data_4RCB
# 
_entry.id   4RCB 
# 
_audit_conform.dict_name       mmcif_pdbx.dic 
_audit_conform.dict_version    5.388 
_audit_conform.dict_location   http://mmcif.pdb.org/dictionaries/ascii/mmcif_pdbx.dic 
# 
loop_
_database_2.database_id 
_database_2.database_code 
_database_2.pdbx_database_accession 
_database_2.pdbx_DOI 
PDB   4RCB         pdb_00004rcb 10.2210/pdb4rcb/pdb 
RCSB  RCSB087168   ?            ?                   
WWPDB D_1000087168 ?            ?                   
# 
loop_
_pdbx_audit_revision_history.ordinal 
_pdbx_audit_revision_history.data_content_type 
_pdbx_audit_revision_history.major_revision 
_pdbx_audit_revision_history.minor_revision 
_pdbx_audit_revision_history.revision_date 
1 'Structure model' 1 0 2015-09-16 
2 'Structure model' 1 1 2015-09-23 
3 'Structure model' 1 2 2020-01-29 
4 'Structure model' 1 3 2024-03-20 
# 
_pdbx_audit_revision_details.ordinal             1 
_pdbx_audit_revision_details.revision_ordinal    1 
_pdbx_audit_revision_details.data_content_type   'Structure model' 
_pdbx_audit_revision_details.provider            repository 
_pdbx_audit_revision_details.type                'Initial release' 
_pdbx_audit_revision_details.description         ? 
_pdbx_audit_revision_details.details             ? 
# 
loop_
_pdbx_audit_revision_group.ordinal 
_pdbx_audit_revision_group.revision_ordinal 
_pdbx_audit_revision_group.data_content_type 
_pdbx_audit_revision_group.group 
1 2 'Structure model' 'Database references' 
2 3 'Structure model' 'Database references' 
3 4 'Structure model' 'Data collection'     
4 4 'Structure model' 'Database references' 
# 
loop_
_pdbx_audit_revision_category.ordinal 
_pdbx_audit_revision_category.revision_ordinal 
_pdbx_audit_revision_category.data_content_type 
_pdbx_audit_revision_category.category 
1 3 'Structure model' citation       
2 4 'Structure model' chem_comp_atom 
3 4 'Structure model' chem_comp_bond 
4 4 'Structure model' database_2     
# 
loop_
_pdbx_audit_revision_item.ordinal 
_pdbx_audit_revision_item.revision_ordinal 
_pdbx_audit_revision_item.data_content_type 
_pdbx_audit_revision_item.item 
1 3 'Structure model' '_citation.journal_abbrev'            
2 3 'Structure model' '_citation.journal_id_CSD'            
3 3 'Structure model' '_citation.pdbx_database_id_DOI'      
4 4 'Structure model' '_database_2.pdbx_DOI'                
5 4 'Structure model' '_database_2.pdbx_database_accession' 
# 
_pdbx_database_status.status_code                     REL 
_pdbx_database_status.entry_id                        4RCB 
_pdbx_database_status.recvd_initial_deposition_date   2014-09-15 
_pdbx_database_status.deposit_site                    RCSB 
_pdbx_database_status.process_site                    PDBJ 
_pdbx_database_status.methods_development_category    ? 
_pdbx_database_status.status_code_sf                  REL 
_pdbx_database_status.status_code_mr                  ? 
_pdbx_database_status.SG_entry                        ? 
_pdbx_database_status.status_code_cs                  ? 
_pdbx_database_status.pdb_format_compatible           Y 
_pdbx_database_status.status_code_nmr_data            ? 
# 
_pdbx_database_related.db_name        PDB 
_pdbx_database_related.db_id          4RCC 
_pdbx_database_related.details        . 
_pdbx_database_related.content_type   unspecified 
# 
_audit_author.name               'Su, J.Y.' 
_audit_author.pdbx_ordinal       1 
_audit_author.identifier_ORCID   ? 
# 
_citation.id                        primary 
_citation.title                     'Limited proteolysis improves E.coli Hfq crystal structure resolution' 
_citation.journal_abbrev            'Chin J Biochem Mol Biol' 
_citation.journal_volume            9 
_citation.page_first                845 
_citation.page_last                 851 
_citation.year                      2015 
_citation.journal_id_ASTM           ? 
_citation.country                   CN 
_citation.journal_id_ISSN           1007-7626 
_citation.journal_id_CSD            ? 
_citation.book_publisher            ? 
_citation.pdbx_database_id_PubMed   ? 
_citation.pdbx_database_id_DOI      10.13865/j.cnki.cjbmb.2015.10.14 
# 
loop_
_citation_author.citation_id 
_citation_author.name 
_citation_author.ordinal 
_citation_author.identifier_ORCID 
primary 'Feng, S.Q.' 1 ? 
primary 'Si, Y.L.'   2 ? 
primary 'Song, C.Y.' 3 ? 
primary 'Wang, P.Q.' 4 ? 
primary 'Su, J.Y.'   5 ? 
# 
loop_
_entity.id 
_entity.type 
_entity.src_method 
_entity.pdbx_description 
_entity.formula_weight 
_entity.pdbx_number_of_molecules 
_entity.pdbx_ec 
_entity.pdbx_mutation 
_entity.pdbx_fragment 
_entity.details 
1 polymer nat 'RNA-binding protein Hfq' 7653.859 1  ? ? 'UNP RESIDUES 5-71' ? 
2 water   nat water                     18.015   36 ? ? ?                   ? 
# 
_entity_name_com.entity_id   1 
_entity_name_com.name        'HF-1, Host factor-I protein, HF-I' 
# 
_entity_poly.entity_id                      1 
_entity_poly.type                           'polypeptide(L)' 
_entity_poly.nstd_linkage                   no 
_entity_poly.nstd_monomer                   no 
_entity_poly.pdbx_seq_one_letter_code       QSLQDPFLNALRRERVPVSIYLVNGIKLQGQIESFDQFVILLKNTVSQMVYKHAISTVVPSRPVSHH 
_entity_poly.pdbx_seq_one_letter_code_can   QSLQDPFLNALRRERVPVSIYLVNGIKLQGQIESFDQFVILLKNTVSQMVYKHAISTVVPSRPVSHH 
_entity_poly.pdbx_strand_id                 A 
_entity_poly.pdbx_target_identifier         ? 
# 
_pdbx_entity_nonpoly.entity_id   2 
_pdbx_entity_nonpoly.name        water 
_pdbx_entity_nonpoly.comp_id     HOH 
# 
loop_
_entity_poly_seq.entity_id 
_entity_poly_seq.num 
_entity_poly_seq.mon_id 
_entity_poly_seq.hetero 
1 1  GLN n 
1 2  SER n 
1 3  LEU n 
1 4  GLN n 
1 5  ASP n 
1 6  PRO n 
1 7  PHE n 
1 8  LEU n 
1 9  ASN n 
1 10 ALA n 
1 11 LEU n 
1 12 ARG n 
1 13 ARG n 
1 14 GLU n 
1 15 ARG n 
1 16 VAL n 
1 17 PRO n 
1 18 VAL n 
1 19 SER n 
1 20 ILE n 
1 21 TYR n 
1 22 LEU n 
1 23 VAL n 
1 24 ASN n 
1 25 GLY n 
1 26 ILE n 
1 27 LYS n 
1 28 LEU n 
1 29 GLN n 
1 30 GLY n 
1 31 GLN n 
1 32 ILE n 
1 33 GLU n 
1 34 SER n 
1 35 PHE n 
1 36 ASP n 
1 37 GLN n 
1 38 PHE n 
1 39 VAL n 
1 40 ILE n 
1 41 LEU n 
1 42 LEU n 
1 43 LYS n 
1 44 ASN n 
1 45 THR n 
1 46 VAL n 
1 47 SER n 
1 48 GLN n 
1 49 MET n 
1 50 VAL n 
1 51 TYR n 
1 52 LYS n 
1 53 HIS n 
1 54 ALA n 
1 55 ILE n 
1 56 SER n 
1 57 THR n 
1 58 VAL n 
1 59 VAL n 
1 60 PRO n 
1 61 SER n 
1 62 ARG n 
1 63 PRO n 
1 64 VAL n 
1 65 SER n 
1 66 HIS n 
1 67 HIS n 
# 
_entity_src_nat.entity_id                  1 
_entity_src_nat.pdbx_src_id                1 
_entity_src_nat.pdbx_alt_source_flag       sample 
_entity_src_nat.pdbx_beg_seq_num           ? 
_entity_src_nat.pdbx_end_seq_num           ? 
_entity_src_nat.common_name                ? 
_entity_src_nat.pdbx_organism_scientific   'Escherichia coli K-12' 
_entity_src_nat.pdbx_ncbi_taxonomy_id      83333 
_entity_src_nat.genus                      ? 
_entity_src_nat.species                    ? 
_entity_src_nat.strain                     ? 
_entity_src_nat.tissue                     ? 
_entity_src_nat.tissue_fraction            ? 
_entity_src_nat.pdbx_secretion             ? 
_entity_src_nat.pdbx_fragment              ? 
_entity_src_nat.pdbx_variant               ? 
_entity_src_nat.pdbx_cell_line             ? 
_entity_src_nat.pdbx_atcc                  ? 
_entity_src_nat.pdbx_cellular_location     ? 
_entity_src_nat.pdbx_organ                 ? 
_entity_src_nat.pdbx_organelle             ? 
_entity_src_nat.pdbx_cell                  ? 
_entity_src_nat.pdbx_plasmid_name          ? 
_entity_src_nat.pdbx_plasmid_details       ? 
_entity_src_nat.details                    ? 
# 
loop_
_chem_comp.id 
_chem_comp.type 
_chem_comp.mon_nstd_flag 
_chem_comp.name 
_chem_comp.pdbx_synonyms 
_chem_comp.formula 
_chem_comp.formula_weight 
ALA 'L-peptide linking' y ALANINE         ? 'C3 H7 N O2'     89.093  
ARG 'L-peptide linking' y ARGININE        ? 'C6 H15 N4 O2 1' 175.209 
ASN 'L-peptide linking' y ASPARAGINE      ? 'C4 H8 N2 O3'    132.118 
ASP 'L-peptide linking' y 'ASPARTIC ACID' ? 'C4 H7 N O4'     133.103 
GLN 'L-peptide linking' y GLUTAMINE       ? 'C5 H10 N2 O3'   146.144 
GLU 'L-peptide linking' y 'GLUTAMIC ACID' ? 'C5 H9 N O4'     147.129 
GLY 'peptide linking'   y GLYCINE         ? 'C2 H5 N O2'     75.067  
HIS 'L-peptide linking' y HISTIDINE       ? 'C6 H10 N3 O2 1' 156.162 
HOH non-polymer         . WATER           ? 'H2 O'           18.015  
ILE 'L-peptide linking' y ISOLEUCINE      ? 'C6 H13 N O2'    131.173 
LEU 'L-peptide linking' y LEUCINE         ? 'C6 H13 N O2'    131.173 
LYS 'L-peptide linking' y LYSINE          ? 'C6 H15 N2 O2 1' 147.195 
MET 'L-peptide linking' y METHIONINE      ? 'C5 H11 N O2 S'  149.211 
PHE 'L-peptide linking' y PHENYLALANINE   ? 'C9 H11 N O2'    165.189 
PRO 'L-peptide linking' y PROLINE         ? 'C5 H9 N O2'     115.130 
SER 'L-peptide linking' y SERINE          ? 'C3 H7 N O3'     105.093 
THR 'L-peptide linking' y THREONINE       ? 'C4 H9 N O3'     119.119 
TYR 'L-peptide linking' y TYROSINE        ? 'C9 H11 N O3'    181.189 
VAL 'L-peptide linking' y VALINE          ? 'C5 H11 N O2'    117.146 
# 
loop_
_pdbx_poly_seq_scheme.asym_id 
_pdbx_poly_seq_scheme.entity_id 
_pdbx_poly_seq_scheme.seq_id 
_pdbx_poly_seq_scheme.mon_id 
_pdbx_poly_seq_scheme.ndb_seq_num 
_pdbx_poly_seq_scheme.pdb_seq_num 
_pdbx_poly_seq_scheme.auth_seq_num 
_pdbx_poly_seq_scheme.pdb_mon_id 
_pdbx_poly_seq_scheme.auth_mon_id 
_pdbx_poly_seq_scheme.pdb_strand_id 
_pdbx_poly_seq_scheme.pdb_ins_code 
_pdbx_poly_seq_scheme.hetero 
A 1 1  GLN 1  5  5  GLN GLN A . n 
A 1 2  SER 2  6  6  SER SER A . n 
A 1 3  LEU 3  7  7  LEU LEU A . n 
A 1 4  GLN 4  8  8  GLN GLN A . n 
A 1 5  ASP 5  9  9  ASP ASP A . n 
A 1 6  PRO 6  10 10 PRO PRO A . n 
A 1 7  PHE 7  11 11 PHE PHE A . n 
A 1 8  LEU 8  12 12 LEU LEU A . n 
A 1 9  ASN 9  13 13 ASN ASN A . n 
A 1 10 ALA 10 14 14 ALA ALA A . n 
A 1 11 LEU 11 15 15 LEU LEU A . n 
A 1 12 ARG 12 16 16 ARG ARG A . n 
A 1 13 ARG 13 17 17 ARG ARG A . n 
A 1 14 GLU 14 18 18 GLU GLU A . n 
A 1 15 ARG 15 19 19 ARG ARG A . n 
A 1 16 VAL 16 20 20 VAL VAL A . n 
A 1 17 PRO 17 21 21 PRO PRO A . n 
A 1 18 VAL 18 22 22 VAL VAL A . n 
A 1 19 SER 19 23 23 SER SER A . n 
A 1 20 ILE 20 24 24 ILE ILE A . n 
A 1 21 TYR 21 25 25 TYR TYR A . n 
A 1 22 LEU 22 26 26 LEU LEU A . n 
A 1 23 VAL 23 27 27 VAL VAL A . n 
A 1 24 ASN 24 28 28 ASN ASN A . n 
A 1 25 GLY 25 29 29 GLY GLY A . n 
A 1 26 ILE 26 30 30 ILE ILE A . n 
A 1 27 LYS 27 31 31 LYS LYS A . n 
A 1 28 LEU 28 32 32 LEU LEU A . n 
A 1 29 GLN 29 33 33 GLN GLN A . n 
A 1 30 GLY 30 34 34 GLY GLY A . n 
A 1 31 GLN 31 35 35 GLN GLN A . n 
A 1 32 ILE 32 36 36 ILE ILE A . n 
A 1 33 GLU 33 37 37 GLU GLU A . n 
A 1 34 SER 34 38 38 SER SER A . n 
A 1 35 PHE 35 39 39 PHE PHE A . n 
A 1 36 ASP 36 40 40 ASP ASP A . n 
A 1 37 GLN 37 41 41 GLN GLN A . n 
A 1 38 PHE 38 42 42 PHE PHE A . n 
A 1 39 VAL 39 43 43 VAL VAL A . n 
A 1 40 ILE 40 44 44 ILE ILE A . n 
A 1 41 LEU 41 45 45 LEU LEU A . n 
A 1 42 LEU 42 46 46 LEU LEU A . n 
A 1 43 LYS 43 47 47 LYS LYS A . n 
A 1 44 ASN 44 48 48 ASN ASN A . n 
A 1 45 THR 45 49 49 THR THR A . n 
A 1 46 VAL 46 50 50 VAL VAL A . n 
A 1 47 SER 47 51 51 SER SER A . n 
A 1 48 GLN 48 52 52 GLN GLN A . n 
A 1 49 MET 49 53 53 MET MET A . n 
A 1 50 VAL 50 54 54 VAL VAL A . n 
A 1 51 TYR 51 55 55 TYR TYR A . n 
A 1 52 LYS 52 56 56 LYS LYS A . n 
A 1 53 HIS 53 57 57 HIS HIS A . n 
A 1 54 ALA 54 58 58 ALA ALA A . n 
A 1 55 ILE 55 59 59 ILE ILE A . n 
A 1 56 SER 56 60 60 SER SER A . n 
A 1 57 THR 57 61 61 THR THR A . n 
A 1 58 VAL 58 62 62 VAL VAL A . n 
A 1 59 VAL 59 63 63 VAL VAL A . n 
A 1 60 PRO 60 64 64 PRO PRO A . n 
A 1 61 SER 61 65 65 SER SER A . n 
A 1 62 ARG 62 66 66 ARG ARG A . n 
A 1 63 PRO 63 67 67 PRO PRO A . n 
A 1 64 VAL 64 68 68 VAL VAL A . n 
A 1 65 SER 65 69 69 SER SER A . n 
A 1 66 HIS 66 70 70 HIS HIS A . n 
A 1 67 HIS 67 71 71 HIS HIS A . n 
# 
loop_
_pdbx_nonpoly_scheme.asym_id 
_pdbx_nonpoly_scheme.entity_id 
_pdbx_nonpoly_scheme.mon_id 
_pdbx_nonpoly_scheme.ndb_seq_num 
_pdbx_nonpoly_scheme.pdb_seq_num 
_pdbx_nonpoly_scheme.auth_seq_num 
_pdbx_nonpoly_scheme.pdb_mon_id 
_pdbx_nonpoly_scheme.auth_mon_id 
_pdbx_nonpoly_scheme.pdb_strand_id 
_pdbx_nonpoly_scheme.pdb_ins_code 
B 2 HOH 1  101 1  HOH HOH A . 
B 2 HOH 2  102 2  HOH HOH A . 
B 2 HOH 3  103 3  HOH HOH A . 
B 2 HOH 4  104 4  HOH HOH A . 
B 2 HOH 5  105 5  HOH HOH A . 
B 2 HOH 6  106 6  HOH HOH A . 
B 2 HOH 7  107 7  HOH HOH A . 
B 2 HOH 8  108 8  HOH HOH A . 
B 2 HOH 9  109 9  HOH HOH A . 
B 2 HOH 10 110 10 HOH HOH A . 
B 2 HOH 11 111 11 HOH HOH A . 
B 2 HOH 12 112 12 HOH HOH A . 
B 2 HOH 13 113 13 HOH HOH A . 
B 2 HOH 14 114 14 HOH HOH A . 
B 2 HOH 15 115 15 HOH HOH A . 
B 2 HOH 16 116 16 HOH HOH A . 
B 2 HOH 17 117 17 HOH HOH A . 
B 2 HOH 18 118 18 HOH HOH A . 
B 2 HOH 19 119 19 HOH HOH A . 
B 2 HOH 20 120 20 HOH HOH A . 
B 2 HOH 21 121 21 HOH HOH A . 
B 2 HOH 22 122 22 HOH HOH A . 
B 2 HOH 23 123 23 HOH HOH A . 
B 2 HOH 24 124 24 HOH HOH A . 
B 2 HOH 25 125 25 HOH HOH A . 
B 2 HOH 26 126 26 HOH HOH A . 
B 2 HOH 27 127 27 HOH HOH A . 
B 2 HOH 28 128 28 HOH HOH A . 
B 2 HOH 29 129 29 HOH HOH A . 
B 2 HOH 30 130 30 HOH HOH A . 
B 2 HOH 31 131 31 HOH HOH A . 
B 2 HOH 32 132 32 HOH HOH A . 
B 2 HOH 33 133 33 HOH HOH A . 
B 2 HOH 34 134 34 HOH HOH A . 
B 2 HOH 35 135 35 HOH HOH A . 
B 2 HOH 36 136 36 HOH HOH A . 
# 
_software.name             PHENIX 
_software.classification   refinement 
_software.version          '(phenix.refine: 1.9_1692)' 
_software.citation_id      ? 
_software.pdbx_ordinal     1 
# 
_cell.entry_id           4RCB 
_cell.length_a           61.270 
_cell.length_b           61.270 
_cell.length_c           28.160 
_cell.angle_alpha        90.00 
_cell.angle_beta         90.00 
_cell.angle_gamma        120.00 
_cell.Z_PDB              6 
_cell.pdbx_unique_axis   ? 
_cell.length_a_esd       ? 
_cell.length_b_esd       ? 
_cell.length_c_esd       ? 
_cell.angle_alpha_esd    ? 
_cell.angle_beta_esd     ? 
_cell.angle_gamma_esd    ? 
# 
_symmetry.entry_id                         4RCB 
_symmetry.space_group_name_H-M             'P 6' 
_symmetry.pdbx_full_space_group_name_H-M   ? 
_symmetry.cell_setting                     ? 
_symmetry.Int_Tables_number                168 
_symmetry.space_group_name_Hall            ? 
# 
_exptl.entry_id          4RCB 
_exptl.method            'X-RAY DIFFRACTION' 
_exptl.crystals_number   ? 
# 
_exptl_crystal.id                    1 
_exptl_crystal.density_meas          ? 
_exptl_crystal.density_Matthews      1.99 
_exptl_crystal.density_percent_sol   38.30 
_exptl_crystal.description           ? 
_exptl_crystal.F_000                 ? 
_exptl_crystal.preparation           ? 
# 
_exptl_crystal_grow.crystal_id      1 
_exptl_crystal_grow.method          'VAPOR DIFFUSION, SITTING DROP' 
_exptl_crystal_grow.temp            ? 
_exptl_crystal_grow.temp_details    ? 
_exptl_crystal_grow.pH              ? 
_exptl_crystal_grow.pdbx_details    
;0.5M Lithium chloride, 1.6M Ammonium sulfate  
, VAPOR DIFFUSION, SITTING DROP
;
_exptl_crystal_grow.pdbx_pH_range   . 
# 
_diffrn.id                     1 
_diffrn.ambient_temp           ? 
_diffrn.ambient_temp_details   ? 
_diffrn.crystal_id             1 
# 
_diffrn_radiation.diffrn_id                        1 
_diffrn_radiation.wavelength_id                    1 
_diffrn_radiation.pdbx_monochromatic_or_laue_m_l   M 
_diffrn_radiation.monochromator                    ? 
_diffrn_radiation.pdbx_diffrn_protocol             'SINGLE WAVELENGTH' 
_diffrn_radiation.pdbx_scattering_type             x-ray 
# 
_diffrn_radiation_wavelength.id           1 
_diffrn_radiation_wavelength.wavelength   0.97159 
_diffrn_radiation_wavelength.wt           1.0 
# 
_diffrn_source.diffrn_id                   1 
_diffrn_source.source                      SYNCHROTRON 
_diffrn_source.type                        'SLS BEAMLINE X10SA' 
_diffrn_source.pdbx_synchrotron_site       SLS 
_diffrn_source.pdbx_synchrotron_beamline   X10SA 
_diffrn_source.pdbx_wavelength             ? 
_diffrn_source.pdbx_wavelength_list        0.97159 
# 
_reflns.entry_id                     4RCB 
_reflns.observed_criterion_sigma_I   ? 
_reflns.observed_criterion_sigma_F   ? 
_reflns.d_resolution_low             ? 
_reflns.d_resolution_high            1.63 
_reflns.number_obs                   7684 
_reflns.number_all                   ? 
_reflns.percent_possible_obs         ? 
_reflns.pdbx_Rmerge_I_obs            ? 
_reflns.pdbx_Rsym_value              ? 
_reflns.pdbx_netI_over_sigmaI        ? 
_reflns.B_iso_Wilson_estimate        ? 
_reflns.pdbx_redundancy              ? 
_reflns.R_free_details               ? 
_reflns.limit_h_max                  ? 
_reflns.limit_h_min                  ? 
_reflns.limit_k_max                  ? 
_reflns.limit_k_min                  ? 
_reflns.limit_l_max                  ? 
_reflns.limit_l_min                  ? 
_reflns.observed_criterion_F_max     ? 
_reflns.observed_criterion_F_min     ? 
_reflns.pdbx_chi_squared             ? 
_reflns.pdbx_scaling_rejects         ? 
_reflns.pdbx_ordinal                 1 
_reflns.pdbx_diffrn_id               1 
# 
_refine.entry_id                                 4RCB 
_refine.ls_number_reflns_obs                     5756 
_refine.ls_number_reflns_all                     ? 
_refine.pdbx_ls_sigma_I                          ? 
_refine.pdbx_ls_sigma_F                          1.36 
_refine.pdbx_data_cutoff_high_absF               ? 
_refine.pdbx_data_cutoff_low_absF                ? 
_refine.pdbx_data_cutoff_high_rms_absF           ? 
_refine.ls_d_res_low                             26.531 
_refine.ls_d_res_high                            1.63 
_refine.ls_percent_reflns_obs                    100.00 
_refine.ls_R_factor_obs                          0.2176 
_refine.ls_R_factor_all                          ? 
_refine.ls_R_factor_R_work                       0.2158 
_refine.ls_R_factor_R_free                       0.2480 
_refine.ls_R_factor_R_free_error                 ? 
_refine.ls_R_factor_R_free_error_details         ? 
_refine.ls_percent_reflns_R_free                 5.06 
_refine.ls_number_reflns_R_free                  291 
_refine.ls_number_parameters                     ? 
_refine.ls_number_restraints                     ? 
_refine.occupancy_min                            ? 
_refine.occupancy_max                            ? 
_refine.correlation_coeff_Fo_to_Fc               ? 
_refine.correlation_coeff_Fo_to_Fc_free          ? 
_refine.B_iso_mean                               ? 
_refine.aniso_B[1][1]                            ? 
_refine.aniso_B[2][2]                            ? 
_refine.aniso_B[3][3]                            ? 
_refine.aniso_B[1][2]                            ? 
_refine.aniso_B[1][3]                            ? 
_refine.aniso_B[2][3]                            ? 
_refine.solvent_model_details                    'FLAT BULK SOLVENT MODEL' 
_refine.solvent_model_param_ksol                 ? 
_refine.solvent_model_param_bsol                 ? 
_refine.pdbx_solvent_vdw_probe_radii             1.11 
_refine.pdbx_solvent_ion_probe_radii             ? 
_refine.pdbx_solvent_shrinkage_radii             0.90 
_refine.pdbx_ls_cross_valid_method               ? 
_refine.details                                  ? 
_refine.pdbx_starting_model                      ? 
_refine.pdbx_method_to_determine_struct          'MOLECULAR REPLACEMENT' 
_refine.pdbx_isotropic_thermal_model             ? 
_refine.pdbx_stereochemistry_target_values       ML 
_refine.pdbx_stereochem_target_val_spec_case     ? 
_refine.pdbx_R_Free_selection_details            ? 
_refine.pdbx_overall_ESU_R                       ? 
_refine.pdbx_overall_ESU_R_Free                  ? 
_refine.overall_SU_ML                            0.19 
_refine.pdbx_overall_phase_error                 28.24 
_refine.overall_SU_B                             ? 
_refine.overall_SU_R_Cruickshank_DPI             ? 
_refine.ls_redundancy_reflns_obs                 ? 
_refine.B_iso_min                                ? 
_refine.B_iso_max                                ? 
_refine.overall_SU_R_free                        ? 
_refine.ls_wR_factor_R_free                      ? 
_refine.ls_wR_factor_R_work                      ? 
_refine.overall_FOM_free_R_set                   ? 
_refine.overall_FOM_work_R_set                   ? 
_refine.pdbx_diffrn_id                           1 
_refine.pdbx_refine_id                           'X-RAY DIFFRACTION' 
_refine.pdbx_TLS_residual_ADP_flag               ? 
_refine.pdbx_overall_SU_R_free_Cruickshank_DPI   ? 
_refine.pdbx_overall_SU_R_Blow_DPI               ? 
_refine.pdbx_overall_SU_R_free_Blow_DPI          ? 
# 
_refine_hist.pdbx_refine_id                   'X-RAY DIFFRACTION' 
_refine_hist.cycle_id                         LAST 
_refine_hist.pdbx_number_atoms_protein        539 
_refine_hist.pdbx_number_atoms_nucleic_acid   0 
_refine_hist.pdbx_number_atoms_ligand         0 
_refine_hist.number_atoms_solvent             36 
_refine_hist.number_atoms_total               575 
_refine_hist.d_res_high                       1.63 
_refine_hist.d_res_low                        26.531 
# 
loop_
_refine_ls_restr.type 
_refine_ls_restr.dev_ideal 
_refine_ls_restr.dev_ideal_target 
_refine_ls_restr.weight 
_refine_ls_restr.number 
_refine_ls_restr.pdbx_restraint_function 
_refine_ls_restr.pdbx_refine_id 
f_bond_d           0.009  ? ? 557 ? 'X-RAY DIFFRACTION' 
f_angle_d          1.210  ? ? 757 ? 'X-RAY DIFFRACTION' 
f_dihedral_angle_d 15.302 ? ? 212 ? 'X-RAY DIFFRACTION' 
f_chiral_restr     0.047  ? ? 89  ? 'X-RAY DIFFRACTION' 
f_plane_restr      0.009  ? ? 97  ? 'X-RAY DIFFRACTION' 
# 
loop_
_refine_ls_shell.pdbx_refine_id 
_refine_ls_shell.pdbx_total_number_of_bins_used 
_refine_ls_shell.d_res_high 
_refine_ls_shell.d_res_low 
_refine_ls_shell.number_reflns_R_work 
_refine_ls_shell.R_factor_R_work 
_refine_ls_shell.percent_reflns_obs 
_refine_ls_shell.R_factor_R_free 
_refine_ls_shell.R_factor_R_free_error 
_refine_ls_shell.percent_reflns_R_free 
_refine_ls_shell.number_reflns_R_free 
_refine_ls_shell.number_reflns_all 
_refine_ls_shell.R_factor_all 
_refine_ls_shell.number_reflns_obs 
_refine_ls_shell.redundancy_reflns_obs 
'X-RAY DIFFRACTION' . 1.8000 2.2677  2708 0.2181 100.00 0.2795 . . 128 . . . . 
'X-RAY DIFFRACTION' . 2.2677 26.5336 2757 0.2149 100.00 0.2383 . . 163 . . . . 
# 
_struct.entry_id                  4RCB 
_struct.title                     'Crystal structure of E Coli Hfq' 
_struct.pdbx_model_details        ? 
_struct.pdbx_CASP_flag            ? 
_struct.pdbx_model_type_details   ? 
# 
_struct_keywords.entry_id        4RCB 
_struct_keywords.pdbx_keywords   'RNA BINDING PROTEIN' 
_struct_keywords.text            'RNA binding protein' 
# 
loop_
_struct_asym.id 
_struct_asym.pdbx_blank_PDB_chainid_flag 
_struct_asym.pdbx_modified 
_struct_asym.entity_id 
_struct_asym.details 
A N N 1 ? 
B N N 2 ? 
# 
_struct_ref.id                         1 
_struct_ref.db_name                    UNP 
_struct_ref.db_code                    HFQ_ECOLI 
_struct_ref.pdbx_db_accession          P0A6X3 
_struct_ref.entity_id                  1 
_struct_ref.pdbx_seq_one_letter_code   QSLQDPFLNALRRERVPVSIYLVNGIKLQGQIESFDQFVILLKNTVSQMVYKHAISTVVPSRPVSHH 
_struct_ref.pdbx_align_begin           5 
_struct_ref.pdbx_db_isoform            ? 
# 
_struct_ref_seq.align_id                      1 
_struct_ref_seq.ref_id                        1 
_struct_ref_seq.pdbx_PDB_id_code              4RCB 
_struct_ref_seq.pdbx_strand_id                A 
_struct_ref_seq.seq_align_beg                 1 
_struct_ref_seq.pdbx_seq_align_beg_ins_code   ? 
_struct_ref_seq.seq_align_end                 67 
_struct_ref_seq.pdbx_seq_align_end_ins_code   ? 
_struct_ref_seq.pdbx_db_accession             P0A6X3 
_struct_ref_seq.db_align_beg                  5 
_struct_ref_seq.pdbx_db_align_beg_ins_code    ? 
_struct_ref_seq.db_align_end                  71 
_struct_ref_seq.pdbx_db_align_end_ins_code    ? 
_struct_ref_seq.pdbx_auth_seq_align_beg       5 
_struct_ref_seq.pdbx_auth_seq_align_end       71 
# 
_pdbx_struct_assembly.id                   1 
_pdbx_struct_assembly.details              author_and_software_defined_assembly 
_pdbx_struct_assembly.method_details       PISA 
_pdbx_struct_assembly.oligomeric_details   hexameric 
_pdbx_struct_assembly.oligomeric_count     6 
# 
loop_
_pdbx_struct_assembly_prop.biol_id 
_pdbx_struct_assembly_prop.type 
_pdbx_struct_assembly_prop.value 
_pdbx_struct_assembly_prop.details 
1 'ABSA (A^2)' 9520  ? 
1 MORE         -71   ? 
1 'SSA (A^2)'  18740 ? 
# 
_pdbx_struct_assembly_gen.assembly_id       1 
_pdbx_struct_assembly_gen.oper_expression   1,2,3,4,5,6 
_pdbx_struct_assembly_gen.asym_id_list      A,B 
# 
loop_
_pdbx_struct_oper_list.id 
_pdbx_struct_oper_list.type 
_pdbx_struct_oper_list.name 
_pdbx_struct_oper_list.symmetry_operation 
_pdbx_struct_oper_list.matrix[1][1] 
_pdbx_struct_oper_list.matrix[1][2] 
_pdbx_struct_oper_list.matrix[1][3] 
_pdbx_struct_oper_list.vector[1] 
_pdbx_struct_oper_list.matrix[2][1] 
_pdbx_struct_oper_list.matrix[2][2] 
_pdbx_struct_oper_list.matrix[2][3] 
_pdbx_struct_oper_list.vector[2] 
_pdbx_struct_oper_list.matrix[3][1] 
_pdbx_struct_oper_list.matrix[3][2] 
_pdbx_struct_oper_list.matrix[3][3] 
_pdbx_struct_oper_list.vector[3] 
1 'identity operation'         1_555 x,y,z     1.0000000000 0.0000000000  0.0000000000  0.0000000000  0.0000000000  1.0000000000  0.0000000000  0.0000000000  0.0000000000  0.0000000000  1.0000000000  0.0000000000  
2 'crystal symmetry operation' 2_555 -y,x-y,z  0.5077780603 -0.2409467370 -0.8271070737 18.6122460399 0.6976482898  -0.4482583724 0.5588839731  -0.4464487854 -0.5054189403 -0.8608188552 -0.0595196879 27.9995528625 
3 'crystal symmetry operation' 3_555 -x+y,-x,z 0.5077780603 0.6976482898  -0.5054189403 5.0120783761  -0.2409467370 -0.4482583724 -0.8608188552 28.3869785869 -0.8271070737 0.5588839731  -0.0595196879 17.3103580762 
4 'crystal symmetry operation' 4_555 -x,-y,z   0.3437040804 0.3044677019  -0.8883506760 15.7495496107 0.3044677019  -0.9310111632 -0.2012899215 18.6270198677 -0.8883506760 -0.2012899215 -0.4126929172 30.2066072925 
5 'crystal symmetry operation' 5_555 y,-x+y,z  0.8359260201 0.5454144388  -0.0612436023 -2.8626964292 -0.3931805879 0.5172472092  -0.7601738945 19.0734686531 -0.3829317357 0.6595289338  0.6468267707  2.2070544300  
6 'crystal symmetry operation' 6_555 x-y,x,z   0.8359260201 -0.3931805879 -0.3829317357 10.7374712346 0.5454144388  0.5172472092  0.6595289338  -9.7599587192 -0.0612436023 -0.7601738945 0.6468267707  12.8962492163 
# 
_struct_conf.conf_type_id            HELX_P 
_struct_conf.id                      HELX_P1 
_struct_conf.pdbx_PDB_helix_id       1 
_struct_conf.beg_label_comp_id       LEU 
_struct_conf.beg_label_asym_id       A 
_struct_conf.beg_label_seq_id        3 
_struct_conf.pdbx_beg_PDB_ins_code   ? 
_struct_conf.end_label_comp_id       GLU 
_struct_conf.end_label_asym_id       A 
_struct_conf.end_label_seq_id        14 
_struct_conf.pdbx_end_PDB_ins_code   ? 
_struct_conf.beg_auth_comp_id        LEU 
_struct_conf.beg_auth_asym_id        A 
_struct_conf.beg_auth_seq_id         7 
_struct_conf.end_auth_comp_id        GLU 
_struct_conf.end_auth_asym_id        A 
_struct_conf.end_auth_seq_id         18 
_struct_conf.pdbx_PDB_helix_class    1 
_struct_conf.details                 ? 
_struct_conf.pdbx_PDB_helix_length   12 
# 
_struct_conf_type.id          HELX_P 
_struct_conf_type.criteria    ? 
_struct_conf_type.reference   ? 
# 
_struct_mon_prot_cis.pdbx_id                1 
_struct_mon_prot_cis.label_comp_id          GLN 
_struct_mon_prot_cis.label_seq_id           1 
_struct_mon_prot_cis.label_asym_id          A 
_struct_mon_prot_cis.label_alt_id           . 
_struct_mon_prot_cis.pdbx_PDB_ins_code      ? 
_struct_mon_prot_cis.auth_comp_id           GLN 
_struct_mon_prot_cis.auth_seq_id            5 
_struct_mon_prot_cis.auth_asym_id           A 
_struct_mon_prot_cis.pdbx_label_comp_id_2   SER 
_struct_mon_prot_cis.pdbx_label_seq_id_2    2 
_struct_mon_prot_cis.pdbx_label_asym_id_2   A 
_struct_mon_prot_cis.pdbx_PDB_ins_code_2    ? 
_struct_mon_prot_cis.pdbx_auth_comp_id_2    SER 
_struct_mon_prot_cis.pdbx_auth_seq_id_2     6 
_struct_mon_prot_cis.pdbx_auth_asym_id_2    A 
_struct_mon_prot_cis.pdbx_PDB_model_num     1 
_struct_mon_prot_cis.pdbx_omega_angle       -13.35 
# 
_struct_sheet.id               A 
_struct_sheet.type             ? 
_struct_sheet.number_strands   5 
_struct_sheet.details          ? 
# 
loop_
_struct_sheet_order.sheet_id 
_struct_sheet_order.range_id_1 
_struct_sheet_order.range_id_2 
_struct_sheet_order.offset 
_struct_sheet_order.sense 
A 1 2 ? anti-parallel 
A 2 3 ? anti-parallel 
A 3 4 ? anti-parallel 
A 4 5 ? anti-parallel 
# 
loop_
_struct_sheet_range.sheet_id 
_struct_sheet_range.id 
_struct_sheet_range.beg_label_comp_id 
_struct_sheet_range.beg_label_asym_id 
_struct_sheet_range.beg_label_seq_id 
_struct_sheet_range.pdbx_beg_PDB_ins_code 
_struct_sheet_range.end_label_comp_id 
_struct_sheet_range.end_label_asym_id 
_struct_sheet_range.end_label_seq_id 
_struct_sheet_range.pdbx_end_PDB_ins_code 
_struct_sheet_range.beg_auth_comp_id 
_struct_sheet_range.beg_auth_asym_id 
_struct_sheet_range.beg_auth_seq_id 
_struct_sheet_range.end_auth_comp_id 
_struct_sheet_range.end_auth_asym_id 
_struct_sheet_range.end_auth_seq_id 
A 1 SER A 47 ? TYR A 51 ? SER A 51 TYR A 55 
A 2 VAL A 39 ? LYS A 43 ? VAL A 43 LYS A 47 
A 3 LYS A 27 ? PHE A 35 ? LYS A 31 PHE A 39 
A 4 VAL A 18 ? LEU A 22 ? VAL A 22 LEU A 26 
A 5 ILE A 55 ? PRO A 60 ? ILE A 59 PRO A 64 
# 
loop_
_pdbx_struct_sheet_hbond.sheet_id 
_pdbx_struct_sheet_hbond.range_id_1 
_pdbx_struct_sheet_hbond.range_id_2 
_pdbx_struct_sheet_hbond.range_1_label_atom_id 
_pdbx_struct_sheet_hbond.range_1_label_comp_id 
_pdbx_struct_sheet_hbond.range_1_label_asym_id 
_pdbx_struct_sheet_hbond.range_1_label_seq_id 
_pdbx_struct_sheet_hbond.range_1_PDB_ins_code 
_pdbx_struct_sheet_hbond.range_1_auth_atom_id 
_pdbx_struct_sheet_hbond.range_1_auth_comp_id 
_pdbx_struct_sheet_hbond.range_1_auth_asym_id 
_pdbx_struct_sheet_hbond.range_1_auth_seq_id 
_pdbx_struct_sheet_hbond.range_2_label_atom_id 
_pdbx_struct_sheet_hbond.range_2_label_comp_id 
_pdbx_struct_sheet_hbond.range_2_label_asym_id 
_pdbx_struct_sheet_hbond.range_2_label_seq_id 
_pdbx_struct_sheet_hbond.range_2_PDB_ins_code 
_pdbx_struct_sheet_hbond.range_2_auth_atom_id 
_pdbx_struct_sheet_hbond.range_2_auth_comp_id 
_pdbx_struct_sheet_hbond.range_2_auth_asym_id 
_pdbx_struct_sheet_hbond.range_2_auth_seq_id 
A 1 2 O VAL A 50 ? O VAL A 54 N ILE A 40 ? N ILE A 44 
A 2 3 O LEU A 41 ? O LEU A 45 N GLU A 33 ? N GLU A 37 
A 3 4 O LEU A 28 ? O LEU A 32 N ILE A 20 ? N ILE A 24 
A 4 5 N SER A 19 ? N SER A 23 O VAL A 59 ? O VAL A 63 
# 
loop_
_pdbx_validate_close_contact.id 
_pdbx_validate_close_contact.PDB_model_num 
_pdbx_validate_close_contact.auth_atom_id_1 
_pdbx_validate_close_contact.auth_asym_id_1 
_pdbx_validate_close_contact.auth_comp_id_1 
_pdbx_validate_close_contact.auth_seq_id_1 
_pdbx_validate_close_contact.PDB_ins_code_1 
_pdbx_validate_close_contact.label_alt_id_1 
_pdbx_validate_close_contact.auth_atom_id_2 
_pdbx_validate_close_contact.auth_asym_id_2 
_pdbx_validate_close_contact.auth_comp_id_2 
_pdbx_validate_close_contact.auth_seq_id_2 
_pdbx_validate_close_contact.PDB_ins_code_2 
_pdbx_validate_close_contact.label_alt_id_2 
_pdbx_validate_close_contact.dist 
1 1 O   A HOH 117 ? ? O A HOH 120 ? ? 2.01 
2 1 O   A HOH 110 ? ? O A HOH 130 ? ? 2.02 
3 1 OD2 A ASP 9   ? ? O A HOH 128 ? ? 2.03 
4 1 O   A HOH 122 ? ? O A HOH 123 ? ? 2.08 
5 1 O   A HOH 133 ? ? O A HOH 136 ? ? 2.08 
6 1 O   A HOH 119 ? ? O A HOH 121 ? ? 2.15 
# 
loop_
_pdbx_validate_torsion.id 
_pdbx_validate_torsion.PDB_model_num 
_pdbx_validate_torsion.auth_comp_id 
_pdbx_validate_torsion.auth_asym_id 
_pdbx_validate_torsion.auth_seq_id 
_pdbx_validate_torsion.PDB_ins_code 
_pdbx_validate_torsion.label_alt_id 
_pdbx_validate_torsion.phi 
_pdbx_validate_torsion.psi 
1 1 ASP A 40 ? ? -138.00 -151.31 
2 1 ASN A 48 ? ? -162.18 -80.45  
3 1 HIS A 70 ? ? -160.55 -68.03  
# 
loop_
_chem_comp_atom.comp_id 
_chem_comp_atom.atom_id 
_chem_comp_atom.type_symbol 
_chem_comp_atom.pdbx_aromatic_flag 
_chem_comp_atom.pdbx_stereo_config 
_chem_comp_atom.pdbx_ordinal 
ALA N    N N N 1   
ALA CA   C N S 2   
ALA C    C N N 3   
ALA O    O N N 4   
ALA CB   C N N 5   
ALA OXT  O N N 6   
ALA H    H N N 7   
ALA H2   H N N 8   
ALA HA   H N N 9   
ALA HB1  H N N 10  
ALA HB2  H N N 11  
ALA HB3  H N N 12  
ALA HXT  H N N 13  
ARG N    N N N 14  
ARG CA   C N S 15  
ARG C    C N N 16  
ARG O    O N N 17  
ARG CB   C N N 18  
ARG CG   C N N 19  
ARG CD   C N N 20  
ARG NE   N N N 21  
ARG CZ   C N N 22  
ARG NH1  N N N 23  
ARG NH2  N N N 24  
ARG OXT  O N N 25  
ARG H    H N N 26  
ARG H2   H N N 27  
ARG HA   H N N 28  
ARG HB2  H N N 29  
ARG HB3  H N N 30  
ARG HG2  H N N 31  
ARG HG3  H N N 32  
ARG HD2  H N N 33  
ARG HD3  H N N 34  
ARG HE   H N N 35  
ARG HH11 H N N 36  
ARG HH12 H N N 37  
ARG HH21 H N N 38  
ARG HH22 H N N 39  
ARG HXT  H N N 40  
ASN N    N N N 41  
ASN CA   C N S 42  
ASN C    C N N 43  
ASN O    O N N 44  
ASN CB   C N N 45  
ASN CG   C N N 46  
ASN OD1  O N N 47  
ASN ND2  N N N 48  
ASN OXT  O N N 49  
ASN H    H N N 50  
ASN H2   H N N 51  
ASN HA   H N N 52  
ASN HB2  H N N 53  
ASN HB3  H N N 54  
ASN HD21 H N N 55  
ASN HD22 H N N 56  
ASN HXT  H N N 57  
ASP N    N N N 58  
ASP CA   C N S 59  
ASP C    C N N 60  
ASP O    O N N 61  
ASP CB   C N N 62  
ASP CG   C N N 63  
ASP OD1  O N N 64  
ASP OD2  O N N 65  
ASP OXT  O N N 66  
ASP H    H N N 67  
ASP H2   H N N 68  
ASP HA   H N N 69  
ASP HB2  H N N 70  
ASP HB3  H N N 71  
ASP HD2  H N N 72  
ASP HXT  H N N 73  
GLN N    N N N 74  
GLN CA   C N S 75  
GLN C    C N N 76  
GLN O    O N N 77  
GLN CB   C N N 78  
GLN CG   C N N 79  
GLN CD   C N N 80  
GLN OE1  O N N 81  
GLN NE2  N N N 82  
GLN OXT  O N N 83  
GLN H    H N N 84  
GLN H2   H N N 85  
GLN HA   H N N 86  
GLN HB2  H N N 87  
GLN HB3  H N N 88  
GLN HG2  H N N 89  
GLN HG3  H N N 90  
GLN HE21 H N N 91  
GLN HE22 H N N 92  
GLN HXT  H N N 93  
GLU N    N N N 94  
GLU CA   C N S 95  
GLU C    C N N 96  
GLU O    O N N 97  
GLU CB   C N N 98  
GLU CG   C N N 99  
GLU CD   C N N 100 
GLU OE1  O N N 101 
GLU OE2  O N N 102 
GLU OXT  O N N 103 
GLU H    H N N 104 
GLU H2   H N N 105 
GLU HA   H N N 106 
GLU HB2  H N N 107 
GLU HB3  H N N 108 
GLU HG2  H N N 109 
GLU HG3  H N N 110 
GLU HE2  H N N 111 
GLU HXT  H N N 112 
GLY N    N N N 113 
GLY CA   C N N 114 
GLY C    C N N 115 
GLY O    O N N 116 
GLY OXT  O N N 117 
GLY H    H N N 118 
GLY H2   H N N 119 
GLY HA2  H N N 120 
GLY HA3  H N N 121 
GLY HXT  H N N 122 
HIS N    N N N 123 
HIS CA   C N S 124 
HIS C    C N N 125 
HIS O    O N N 126 
HIS CB   C N N 127 
HIS CG   C Y N 128 
HIS ND1  N Y N 129 
HIS CD2  C Y N 130 
HIS CE1  C Y N 131 
HIS NE2  N Y N 132 
HIS OXT  O N N 133 
HIS H    H N N 134 
HIS H2   H N N 135 
HIS HA   H N N 136 
HIS HB2  H N N 137 
HIS HB3  H N N 138 
HIS HD1  H N N 139 
HIS HD2  H N N 140 
HIS HE1  H N N 141 
HIS HE2  H N N 142 
HIS HXT  H N N 143 
HOH O    O N N 144 
HOH H1   H N N 145 
HOH H2   H N N 146 
ILE N    N N N 147 
ILE CA   C N S 148 
ILE C    C N N 149 
ILE O    O N N 150 
ILE CB   C N S 151 
ILE CG1  C N N 152 
ILE CG2  C N N 153 
ILE CD1  C N N 154 
ILE OXT  O N N 155 
ILE H    H N N 156 
ILE H2   H N N 157 
ILE HA   H N N 158 
ILE HB   H N N 159 
ILE HG12 H N N 160 
ILE HG13 H N N 161 
ILE HG21 H N N 162 
ILE HG22 H N N 163 
ILE HG23 H N N 164 
ILE HD11 H N N 165 
ILE HD12 H N N 166 
ILE HD13 H N N 167 
ILE HXT  H N N 168 
LEU N    N N N 169 
LEU CA   C N S 170 
LEU C    C N N 171 
LEU O    O N N 172 
LEU CB   C N N 173 
LEU CG   C N N 174 
LEU CD1  C N N 175 
LEU CD2  C N N 176 
LEU OXT  O N N 177 
LEU H    H N N 178 
LEU H2   H N N 179 
LEU HA   H N N 180 
LEU HB2  H N N 181 
LEU HB3  H N N 182 
LEU HG   H N N 183 
LEU HD11 H N N 184 
LEU HD12 H N N 185 
LEU HD13 H N N 186 
LEU HD21 H N N 187 
LEU HD22 H N N 188 
LEU HD23 H N N 189 
LEU HXT  H N N 190 
LYS N    N N N 191 
LYS CA   C N S 192 
LYS C    C N N 193 
LYS O    O N N 194 
LYS CB   C N N 195 
LYS CG   C N N 196 
LYS CD   C N N 197 
LYS CE   C N N 198 
LYS NZ   N N N 199 
LYS OXT  O N N 200 
LYS H    H N N 201 
LYS H2   H N N 202 
LYS HA   H N N 203 
LYS HB2  H N N 204 
LYS HB3  H N N 205 
LYS HG2  H N N 206 
LYS HG3  H N N 207 
LYS HD2  H N N 208 
LYS HD3  H N N 209 
LYS HE2  H N N 210 
LYS HE3  H N N 211 
LYS HZ1  H N N 212 
LYS HZ2  H N N 213 
LYS HZ3  H N N 214 
LYS HXT  H N N 215 
MET N    N N N 216 
MET CA   C N S 217 
MET C    C N N 218 
MET O    O N N 219 
MET CB   C N N 220 
MET CG   C N N 221 
MET SD   S N N 222 
MET CE   C N N 223 
MET OXT  O N N 224 
MET H    H N N 225 
MET H2   H N N 226 
MET HA   H N N 227 
MET HB2  H N N 228 
MET HB3  H N N 229 
MET HG2  H N N 230 
MET HG3  H N N 231 
MET HE1  H N N 232 
MET HE2  H N N 233 
MET HE3  H N N 234 
MET HXT  H N N 235 
PHE N    N N N 236 
PHE CA   C N S 237 
PHE C    C N N 238 
PHE O    O N N 239 
PHE CB   C N N 240 
PHE CG   C Y N 241 
PHE CD1  C Y N 242 
PHE CD2  C Y N 243 
PHE CE1  C Y N 244 
PHE CE2  C Y N 245 
PHE CZ   C Y N 246 
PHE OXT  O N N 247 
PHE H    H N N 248 
PHE H2   H N N 249 
PHE HA   H N N 250 
PHE HB2  H N N 251 
PHE HB3  H N N 252 
PHE HD1  H N N 253 
PHE HD2  H N N 254 
PHE HE1  H N N 255 
PHE HE2  H N N 256 
PHE HZ   H N N 257 
PHE HXT  H N N 258 
PRO N    N N N 259 
PRO CA   C N S 260 
PRO C    C N N 261 
PRO O    O N N 262 
PRO CB   C N N 263 
PRO CG   C N N 264 
PRO CD   C N N 265 
PRO OXT  O N N 266 
PRO H    H N N 267 
PRO HA   H N N 268 
PRO HB2  H N N 269 
PRO HB3  H N N 270 
PRO HG2  H N N 271 
PRO HG3  H N N 272 
PRO HD2  H N N 273 
PRO HD3  H N N 274 
PRO HXT  H N N 275 
SER N    N N N 276 
SER CA   C N S 277 
SER C    C N N 278 
SER O    O N N 279 
SER CB   C N N 280 
SER OG   O N N 281 
SER OXT  O N N 282 
SER H    H N N 283 
SER H2   H N N 284 
SER HA   H N N 285 
SER HB2  H N N 286 
SER HB3  H N N 287 
SER HG   H N N 288 
SER HXT  H N N 289 
THR N    N N N 290 
THR CA   C N S 291 
THR C    C N N 292 
THR O    O N N 293 
THR CB   C N R 294 
THR OG1  O N N 295 
THR CG2  C N N 296 
THR OXT  O N N 297 
THR H    H N N 298 
THR H2   H N N 299 
THR HA   H N N 300 
THR HB   H N N 301 
THR HG1  H N N 302 
THR HG21 H N N 303 
THR HG22 H N N 304 
THR HG23 H N N 305 
THR HXT  H N N 306 
TYR N    N N N 307 
TYR CA   C N S 308 
TYR C    C N N 309 
TYR O    O N N 310 
TYR CB   C N N 311 
TYR CG   C Y N 312 
TYR CD1  C Y N 313 
TYR CD2  C Y N 314 
TYR CE1  C Y N 315 
TYR CE2  C Y N 316 
TYR CZ   C Y N 317 
TYR OH   O N N 318 
TYR OXT  O N N 319 
TYR H    H N N 320 
TYR H2   H N N 321 
TYR HA   H N N 322 
TYR HB2  H N N 323 
TYR HB3  H N N 324 
TYR HD1  H N N 325 
TYR HD2  H N N 326 
TYR HE1  H N N 327 
TYR HE2  H N N 328 
TYR HH   H N N 329 
TYR HXT  H N N 330 
VAL N    N N N 331 
VAL CA   C N S 332 
VAL C    C N N 333 
VAL O    O N N 334 
VAL CB   C N N 335 
VAL CG1  C N N 336 
VAL CG2  C N N 337 
VAL OXT  O N N 338 
VAL H    H N N 339 
VAL H2   H N N 340 
VAL HA   H N N 341 
VAL HB   H N N 342 
VAL HG11 H N N 343 
VAL HG12 H N N 344 
VAL HG13 H N N 345 
VAL HG21 H N N 346 
VAL HG22 H N N 347 
VAL HG23 H N N 348 
VAL HXT  H N N 349 
# 
loop_
_chem_comp_bond.comp_id 
_chem_comp_bond.atom_id_1 
_chem_comp_bond.atom_id_2 
_chem_comp_bond.value_order 
_chem_comp_bond.pdbx_aromatic_flag 
_chem_comp_bond.pdbx_stereo_config 
_chem_comp_bond.pdbx_ordinal 
ALA N   CA   sing N N 1   
ALA N   H    sing N N 2   
ALA N   H2   sing N N 3   
ALA CA  C    sing N N 4   
ALA CA  CB   sing N N 5   
ALA CA  HA   sing N N 6   
ALA C   O    doub N N 7   
ALA C   OXT  sing N N 8   
ALA CB  HB1  sing N N 9   
ALA CB  HB2  sing N N 10  
ALA CB  HB3  sing N N 11  
ALA OXT HXT  sing N N 12  
ARG N   CA   sing N N 13  
ARG N   H    sing N N 14  
ARG N   H2   sing N N 15  
ARG CA  C    sing N N 16  
ARG CA  CB   sing N N 17  
ARG CA  HA   sing N N 18  
ARG C   O    doub N N 19  
ARG C   OXT  sing N N 20  
ARG CB  CG   sing N N 21  
ARG CB  HB2  sing N N 22  
ARG CB  HB3  sing N N 23  
ARG CG  CD   sing N N 24  
ARG CG  HG2  sing N N 25  
ARG CG  HG3  sing N N 26  
ARG CD  NE   sing N N 27  
ARG CD  HD2  sing N N 28  
ARG CD  HD3  sing N N 29  
ARG NE  CZ   sing N N 30  
ARG NE  HE   sing N N 31  
ARG CZ  NH1  sing N N 32  
ARG CZ  NH2  doub N N 33  
ARG NH1 HH11 sing N N 34  
ARG NH1 HH12 sing N N 35  
ARG NH2 HH21 sing N N 36  
ARG NH2 HH22 sing N N 37  
ARG OXT HXT  sing N N 38  
ASN N   CA   sing N N 39  
ASN N   H    sing N N 40  
ASN N   H2   sing N N 41  
ASN CA  C    sing N N 42  
ASN CA  CB   sing N N 43  
ASN CA  HA   sing N N 44  
ASN C   O    doub N N 45  
ASN C   OXT  sing N N 46  
ASN CB  CG   sing N N 47  
ASN CB  HB2  sing N N 48  
ASN CB  HB3  sing N N 49  
ASN CG  OD1  doub N N 50  
ASN CG  ND2  sing N N 51  
ASN ND2 HD21 sing N N 52  
ASN ND2 HD22 sing N N 53  
ASN OXT HXT  sing N N 54  
ASP N   CA   sing N N 55  
ASP N   H    sing N N 56  
ASP N   H2   sing N N 57  
ASP CA  C    sing N N 58  
ASP CA  CB   sing N N 59  
ASP CA  HA   sing N N 60  
ASP C   O    doub N N 61  
ASP C   OXT  sing N N 62  
ASP CB  CG   sing N N 63  
ASP CB  HB2  sing N N 64  
ASP CB  HB3  sing N N 65  
ASP CG  OD1  doub N N 66  
ASP CG  OD2  sing N N 67  
ASP OD2 HD2  sing N N 68  
ASP OXT HXT  sing N N 69  
GLN N   CA   sing N N 70  
GLN N   H    sing N N 71  
GLN N   H2   sing N N 72  
GLN CA  C    sing N N 73  
GLN CA  CB   sing N N 74  
GLN CA  HA   sing N N 75  
GLN C   O    doub N N 76  
GLN C   OXT  sing N N 77  
GLN CB  CG   sing N N 78  
GLN CB  HB2  sing N N 79  
GLN CB  HB3  sing N N 80  
GLN CG  CD   sing N N 81  
GLN CG  HG2  sing N N 82  
GLN CG  HG3  sing N N 83  
GLN CD  OE1  doub N N 84  
GLN CD  NE2  sing N N 85  
GLN NE2 HE21 sing N N 86  
GLN NE2 HE22 sing N N 87  
GLN OXT HXT  sing N N 88  
GLU N   CA   sing N N 89  
GLU N   H    sing N N 90  
GLU N   H2   sing N N 91  
GLU CA  C    sing N N 92  
GLU CA  CB   sing N N 93  
GLU CA  HA   sing N N 94  
GLU C   O    doub N N 95  
GLU C   OXT  sing N N 96  
GLU CB  CG   sing N N 97  
GLU CB  HB2  sing N N 98  
GLU CB  HB3  sing N N 99  
GLU CG  CD   sing N N 100 
GLU CG  HG2  sing N N 101 
GLU CG  HG3  sing N N 102 
GLU CD  OE1  doub N N 103 
GLU CD  OE2  sing N N 104 
GLU OE2 HE2  sing N N 105 
GLU OXT HXT  sing N N 106 
GLY N   CA   sing N N 107 
GLY N   H    sing N N 108 
GLY N   H2   sing N N 109 
GLY CA  C    sing N N 110 
GLY CA  HA2  sing N N 111 
GLY CA  HA3  sing N N 112 
GLY C   O    doub N N 113 
GLY C   OXT  sing N N 114 
GLY OXT HXT  sing N N 115 
HIS N   CA   sing N N 116 
HIS N   H    sing N N 117 
HIS N   H2   sing N N 118 
HIS CA  C    sing N N 119 
HIS CA  CB   sing N N 120 
HIS CA  HA   sing N N 121 
HIS C   O    doub N N 122 
HIS C   OXT  sing N N 123 
HIS CB  CG   sing N N 124 
HIS CB  HB2  sing N N 125 
HIS CB  HB3  sing N N 126 
HIS CG  ND1  sing Y N 127 
HIS CG  CD2  doub Y N 128 
HIS ND1 CE1  doub Y N 129 
HIS ND1 HD1  sing N N 130 
HIS CD2 NE2  sing Y N 131 
HIS CD2 HD2  sing N N 132 
HIS CE1 NE2  sing Y N 133 
HIS CE1 HE1  sing N N 134 
HIS NE2 HE2  sing N N 135 
HIS OXT HXT  sing N N 136 
HOH O   H1   sing N N 137 
HOH O   H2   sing N N 138 
ILE N   CA   sing N N 139 
ILE N   H    sing N N 140 
ILE N   H2   sing N N 141 
ILE CA  C    sing N N 142 
ILE CA  CB   sing N N 143 
ILE CA  HA   sing N N 144 
ILE C   O    doub N N 145 
ILE C   OXT  sing N N 146 
ILE CB  CG1  sing N N 147 
ILE CB  CG2  sing N N 148 
ILE CB  HB   sing N N 149 
ILE CG1 CD1  sing N N 150 
ILE CG1 HG12 sing N N 151 
ILE CG1 HG13 sing N N 152 
ILE CG2 HG21 sing N N 153 
ILE CG2 HG22 sing N N 154 
ILE CG2 HG23 sing N N 155 
ILE CD1 HD11 sing N N 156 
ILE CD1 HD12 sing N N 157 
ILE CD1 HD13 sing N N 158 
ILE OXT HXT  sing N N 159 
LEU N   CA   sing N N 160 
LEU N   H    sing N N 161 
LEU N   H2   sing N N 162 
LEU CA  C    sing N N 163 
LEU CA  CB   sing N N 164 
LEU CA  HA   sing N N 165 
LEU C   O    doub N N 166 
LEU C   OXT  sing N N 167 
LEU CB  CG   sing N N 168 
LEU CB  HB2  sing N N 169 
LEU CB  HB3  sing N N 170 
LEU CG  CD1  sing N N 171 
LEU CG  CD2  sing N N 172 
LEU CG  HG   sing N N 173 
LEU CD1 HD11 sing N N 174 
LEU CD1 HD12 sing N N 175 
LEU CD1 HD13 sing N N 176 
LEU CD2 HD21 sing N N 177 
LEU CD2 HD22 sing N N 178 
LEU CD2 HD23 sing N N 179 
LEU OXT HXT  sing N N 180 
LYS N   CA   sing N N 181 
LYS N   H    sing N N 182 
LYS N   H2   sing N N 183 
LYS CA  C    sing N N 184 
LYS CA  CB   sing N N 185 
LYS CA  HA   sing N N 186 
LYS C   O    doub N N 187 
LYS C   OXT  sing N N 188 
LYS CB  CG   sing N N 189 
LYS CB  HB2  sing N N 190 
LYS CB  HB3  sing N N 191 
LYS CG  CD   sing N N 192 
LYS CG  HG2  sing N N 193 
LYS CG  HG3  sing N N 194 
LYS CD  CE   sing N N 195 
LYS CD  HD2  sing N N 196 
LYS CD  HD3  sing N N 197 
LYS CE  NZ   sing N N 198 
LYS CE  HE2  sing N N 199 
LYS CE  HE3  sing N N 200 
LYS NZ  HZ1  sing N N 201 
LYS NZ  HZ2  sing N N 202 
LYS NZ  HZ3  sing N N 203 
LYS OXT HXT  sing N N 204 
MET N   CA   sing N N 205 
MET N   H    sing N N 206 
MET N   H2   sing N N 207 
MET CA  C    sing N N 208 
MET CA  CB   sing N N 209 
MET CA  HA   sing N N 210 
MET C   O    doub N N 211 
MET C   OXT  sing N N 212 
MET CB  CG   sing N N 213 
MET CB  HB2  sing N N 214 
MET CB  HB3  sing N N 215 
MET CG  SD   sing N N 216 
MET CG  HG2  sing N N 217 
MET CG  HG3  sing N N 218 
MET SD  CE   sing N N 219 
MET CE  HE1  sing N N 220 
MET CE  HE2  sing N N 221 
MET CE  HE3  sing N N 222 
MET OXT HXT  sing N N 223 
PHE N   CA   sing N N 224 
PHE N   H    sing N N 225 
PHE N   H2   sing N N 226 
PHE CA  C    sing N N 227 
PHE CA  CB   sing N N 228 
PHE CA  HA   sing N N 229 
PHE C   O    doub N N 230 
PHE C   OXT  sing N N 231 
PHE CB  CG   sing N N 232 
PHE CB  HB2  sing N N 233 
PHE CB  HB3  sing N N 234 
PHE CG  CD1  doub Y N 235 
PHE CG  CD2  sing Y N 236 
PHE CD1 CE1  sing Y N 237 
PHE CD1 HD1  sing N N 238 
PHE CD2 CE2  doub Y N 239 
PHE CD2 HD2  sing N N 240 
PHE CE1 CZ   doub Y N 241 
PHE CE1 HE1  sing N N 242 
PHE CE2 CZ   sing Y N 243 
PHE CE2 HE2  sing N N 244 
PHE CZ  HZ   sing N N 245 
PHE OXT HXT  sing N N 246 
PRO N   CA   sing N N 247 
PRO N   CD   sing N N 248 
PRO N   H    sing N N 249 
PRO CA  C    sing N N 250 
PRO CA  CB   sing N N 251 
PRO CA  HA   sing N N 252 
PRO C   O    doub N N 253 
PRO C   OXT  sing N N 254 
PRO CB  CG   sing N N 255 
PRO CB  HB2  sing N N 256 
PRO CB  HB3  sing N N 257 
PRO CG  CD   sing N N 258 
PRO CG  HG2  sing N N 259 
PRO CG  HG3  sing N N 260 
PRO CD  HD2  sing N N 261 
PRO CD  HD3  sing N N 262 
PRO OXT HXT  sing N N 263 
SER N   CA   sing N N 264 
SER N   H    sing N N 265 
SER N   H2   sing N N 266 
SER CA  C    sing N N 267 
SER CA  CB   sing N N 268 
SER CA  HA   sing N N 269 
SER C   O    doub N N 270 
SER C   OXT  sing N N 271 
SER CB  OG   sing N N 272 
SER CB  HB2  sing N N 273 
SER CB  HB3  sing N N 274 
SER OG  HG   sing N N 275 
SER OXT HXT  sing N N 276 
THR N   CA   sing N N 277 
THR N   H    sing N N 278 
THR N   H2   sing N N 279 
THR CA  C    sing N N 280 
THR CA  CB   sing N N 281 
THR CA  HA   sing N N 282 
THR C   O    doub N N 283 
THR C   OXT  sing N N 284 
THR CB  OG1  sing N N 285 
THR CB  CG2  sing N N 286 
THR CB  HB   sing N N 287 
THR OG1 HG1  sing N N 288 
THR CG2 HG21 sing N N 289 
THR CG2 HG22 sing N N 290 
THR CG2 HG23 sing N N 291 
THR OXT HXT  sing N N 292 
TYR N   CA   sing N N 293 
TYR N   H    sing N N 294 
TYR N   H2   sing N N 295 
TYR CA  C    sing N N 296 
TYR CA  CB   sing N N 297 
TYR CA  HA   sing N N 298 
TYR C   O    doub N N 299 
TYR C   OXT  sing N N 300 
TYR CB  CG   sing N N 301 
TYR CB  HB2  sing N N 302 
TYR CB  HB3  sing N N 303 
TYR CG  CD1  doub Y N 304 
TYR CG  CD2  sing Y N 305 
TYR CD1 CE1  sing Y N 306 
TYR CD1 HD1  sing N N 307 
TYR CD2 CE2  doub Y N 308 
TYR CD2 HD2  sing N N 309 
TYR CE1 CZ   doub Y N 310 
TYR CE1 HE1  sing N N 311 
TYR CE2 CZ   sing Y N 312 
TYR CE2 HE2  sing N N 313 
TYR CZ  OH   sing N N 314 
TYR OH  HH   sing N N 315 
TYR OXT HXT  sing N N 316 
VAL N   CA   sing N N 317 
VAL N   H    sing N N 318 
VAL N   H2   sing N N 319 
VAL CA  C    sing N N 320 
VAL CA  CB   sing N N 321 
VAL CA  HA   sing N N 322 
VAL C   O    doub N N 323 
VAL C   OXT  sing N N 324 
VAL CB  CG1  sing N N 325 
VAL CB  CG2  sing N N 326 
VAL CB  HB   sing N N 327 
VAL CG1 HG11 sing N N 328 
VAL CG1 HG12 sing N N 329 
VAL CG1 HG13 sing N N 330 
VAL CG2 HG21 sing N N 331 
VAL CG2 HG22 sing N N 332 
VAL CG2 HG23 sing N N 333 
VAL OXT HXT  sing N N 334 
# 
_atom_sites.entry_id                    4RCB 
_atom_sites.fract_transf_matrix[1][1]   0.00961250 
_atom_sites.fract_transf_matrix[1][2]   0.00365550 
_atom_sites.fract_transf_matrix[1][3]   0.01579257 
_atom_sites.fract_transf_matrix[2][1]   0.00055063 
_atom_sites.fract_transf_matrix[2][2]   0.01754932 
_atom_sites.fract_transf_matrix[2][3]   0.00684762 
_atom_sites.fract_transf_matrix[3][1]   -0.02910715 
_atom_sites.fract_transf_matrix[3][2]   -0.00659534 
_atom_sites.fract_transf_matrix[3][3]   0.01924334 
_atom_sites.fract_transf_vector[1]      -0.348262 
_atom_sites.fract_transf_vector[2]      -0.271204 
_atom_sites.fract_transf_vector[3]      -0.002994 
# 
loop_
_atom_type.symbol 
C 
N 
O 
S 
# 
loop_
_atom_site.group_PDB 
_atom_site.id 
_atom_site.type_symbol 
_atom_site.label_atom_id 
_atom_site.label_alt_id 
_atom_site.label_comp_id 
_atom_site.label_asym_id 
_atom_site.label_entity_id 
_atom_site.label_seq_id 
_atom_site.pdbx_PDB_ins_code 
_atom_site.Cartn_x 
_atom_site.Cartn_y 
_atom_site.Cartn_z 
_atom_site.occupancy 
_atom_site.B_iso_or_equiv 
_atom_site.pdbx_formal_charge 
_atom_site.auth_seq_id 
_atom_site.auth_comp_id 
_atom_site.auth_asym_id 
_atom_site.auth_atom_id 
_atom_site.pdbx_PDB_model_num 
ATOM   1   N N   . GLN A 1 1  ? -15.930 7.503   8.875   1.00 51.04 ? 5   GLN A N   1 
ATOM   2   C CA  . GLN A 1 1  ? -15.077 7.721   7.727   1.00 47.62 ? 5   GLN A CA  1 
ATOM   3   C C   . GLN A 1 1  ? -15.148 6.448   6.853   1.00 48.41 ? 5   GLN A C   1 
ATOM   4   O O   . GLN A 1 1  ? -16.227 5.930   6.585   1.00 51.19 ? 5   GLN A O   1 
ATOM   5   C CB  . GLN A 1 1  ? -13.633 8.137   8.199   1.00 46.26 ? 5   GLN A CB  1 
ATOM   6   C CG  . GLN A 1 1  ? -13.500 9.435   9.063   1.00 48.44 ? 5   GLN A CG  1 
ATOM   7   C CD  . GLN A 1 1  ? -12.346 9.436   10.113  1.00 44.40 ? 5   GLN A CD  1 
ATOM   8   O OE1 . GLN A 1 1  ? -11.676 10.451  10.348  1.00 42.27 ? 5   GLN A OE1 1 
ATOM   9   N NE2 . GLN A 1 1  ? -12.106 8.301   10.716  1.00 35.67 ? 5   GLN A NE2 1 
ATOM   10  N N   . SER A 1 2  ? -14.019 5.905   6.465   1.00 45.68 ? 6   SER A N   1 
ATOM   11  C CA  . SER A 1 2  ? -12.763 6.628   6.595   1.00 40.84 ? 6   SER A CA  1 
ATOM   12  C C   . SER A 1 2  ? -12.021 6.339   5.293   1.00 33.35 ? 6   SER A C   1 
ATOM   13  O O   . SER A 1 2  ? -12.367 5.393   4.583   1.00 34.62 ? 6   SER A O   1 
ATOM   14  C CB  . SER A 1 2  ? -11.966 6.183   7.820   1.00 33.26 ? 6   SER A CB  1 
ATOM   15  O OG  . SER A 1 2  ? -11.596 4.822   7.679   1.00 42.26 ? 6   SER A OG  1 
ATOM   16  N N   . LEU A 1 3  ? -11.018 7.138   4.963   1.00 26.83 ? 7   LEU A N   1 
ATOM   17  C CA  . LEU A 1 3  ? -10.501 7.119   3.599   1.00 25.93 ? 7   LEU A CA  1 
ATOM   18  C C   . LEU A 1 3  ? -9.521  5.999   3.303   1.00 22.48 ? 7   LEU A C   1 
ATOM   19  O O   . LEU A 1 3  ? -9.447  5.525   2.161   1.00 18.98 ? 7   LEU A O   1 
ATOM   20  C CB  . LEU A 1 3  ? -9.824  8.450   3.264   1.00 23.84 ? 7   LEU A CB  1 
ATOM   21  C CG  . LEU A 1 3  ? -10.611 9.743   3.399   1.00 23.86 ? 7   LEU A CG  1 
ATOM   22  C CD1 . LEU A 1 3  ? -9.783  10.827  2.776   1.00 17.46 ? 7   LEU A CD1 1 
ATOM   23  C CD2 . LEU A 1 3  ? -11.953 9.632   2.705   1.00 24.61 ? 7   LEU A CD2 1 
ATOM   24  N N   . GLN A 1 4  ? -8.739  5.609   4.307   1.00 21.90 ? 8   GLN A N   1 
ATOM   25  C CA  . GLN A 1 4  ? -7.705  4.599   4.115   1.00 20.89 ? 8   GLN A CA  1 
ATOM   26  C C   . GLN A 1 4  ? -8.245  3.324   3.510   1.00 21.60 ? 8   GLN A C   1 
ATOM   27  O O   . GLN A 1 4  ? -7.754  2.864   2.469   1.00 21.83 ? 8   GLN A O   1 
ATOM   28  C CB  . GLN A 1 4  ? -7.041  4.253   5.438   1.00 24.07 ? 8   GLN A CB  1 
ATOM   29  C CG  . GLN A 1 4  ? -5.627  4.698   5.564   1.00 26.42 ? 8   GLN A CG  1 
ATOM   30  C CD  . GLN A 1 4  ? -5.045  4.306   6.910   1.00 22.12 ? 8   GLN A CD  1 
ATOM   31  O OE1 . GLN A 1 4  ? -4.244  3.373   7.003   1.00 23.30 ? 8   GLN A OE1 1 
ATOM   32  N NE2 . GLN A 1 4  ? -5.440  5.027   7.962   1.00 20.43 ? 8   GLN A NE2 1 
ATOM   33  N N   . ASP A 1 5  ? -9.240  2.732   4.165   1.00 20.43 ? 9   ASP A N   1 
ATOM   34  C CA  . ASP A 1 5  ? -9.648  1.373   3.798   1.00 22.46 ? 9   ASP A CA  1 
ATOM   35  C C   . ASP A 1 5  ? -10.122 1.265   2.343   1.00 23.08 ? 9   ASP A C   1 
ATOM   36  O O   . ASP A 1 5  ? -9.658  0.386   1.625   1.00 20.21 ? 9   ASP A O   1 
ATOM   37  C CB  . ASP A 1 5  ? -10.716 0.835   4.764   1.00 28.01 ? 9   ASP A CB  1 
ATOM   38  C CG  . ASP A 1 5  ? -10.174 0.619   6.180   1.00 34.72 ? 9   ASP A CG  1 
ATOM   39  O OD1 . ASP A 1 5  ? -9.222  -0.177  6.337   1.00 38.61 ? 9   ASP A OD1 1 
ATOM   40  O OD2 . ASP A 1 5  ? -10.692 1.253   7.135   1.00 41.58 ? 9   ASP A OD2 1 
ATOM   41  N N   . PRO A 1 6  ? -11.023 2.151   1.889   1.00 20.50 ? 10  PRO A N   1 
ATOM   42  C CA  . PRO A 1 6  ? -11.355 2.023   0.464   1.00 19.20 ? 10  PRO A CA  1 
ATOM   43  C C   . PRO A 1 6  ? -10.186 2.278   -0.505  1.00 18.84 ? 10  PRO A C   1 
ATOM   44  O O   . PRO A 1 6  ? -10.147 1.626   -1.550  1.00 17.29 ? 10  PRO A O   1 
ATOM   45  C CB  . PRO A 1 6  ? -12.453 3.074   0.267   1.00 17.94 ? 10  PRO A CB  1 
ATOM   46  C CG  . PRO A 1 6  ? -12.354 3.978   1.472   1.00 22.21 ? 10  PRO A CG  1 
ATOM   47  C CD  . PRO A 1 6  ? -11.926 3.094   2.574   1.00 20.12 ? 10  PRO A CD  1 
ATOM   48  N N   . PHE A 1 7  ? -9.260  3.185   -0.175  1.00 16.24 ? 11  PHE A N   1 
ATOM   49  C CA  . PHE A 1 7  ? -8.112  3.449   -1.047  1.00 17.76 ? 11  PHE A CA  1 
ATOM   50  C C   . PHE A 1 7  ? -7.236  2.197   -1.153  1.00 14.68 ? 11  PHE A C   1 
ATOM   51  O O   . PHE A 1 7  ? -6.894  1.733   -2.248  1.00 14.42 ? 11  PHE A O   1 
ATOM   52  C CB  . PHE A 1 7  ? -7.291  4.649   -0.521  1.00 18.12 ? 11  PHE A CB  1 
ATOM   53  C CG  . PHE A 1 7  ? -6.087  4.998   -1.374  1.00 15.77 ? 11  PHE A CG  1 
ATOM   54  C CD1 . PHE A 1 7  ? -6.213  5.838   -2.472  1.00 22.26 ? 11  PHE A CD1 1 
ATOM   55  C CD2 . PHE A 1 7  ? -4.827  4.515   -1.055  1.00 16.87 ? 11  PHE A CD2 1 
ATOM   56  C CE1 . PHE A 1 7  ? -5.108  6.163   -3.250  1.00 19.05 ? 11  PHE A CE1 1 
ATOM   57  C CE2 . PHE A 1 7  ? -3.719  4.835   -1.826  1.00 16.98 ? 11  PHE A CE2 1 
ATOM   58  C CZ  . PHE A 1 7  ? -3.861  5.661   -2.923  1.00 16.72 ? 11  PHE A CZ  1 
ATOM   59  N N   . LEU A 1 8  ? -6.870  1.648   0.002   1.00 15.99 ? 12  LEU A N   1 
ATOM   60  C CA  . LEU A 1 8  ? -6.026  0.453   0.033   1.00 14.25 ? 12  LEU A CA  1 
ATOM   61  C C   . LEU A 1 8  ? -6.754  -0.784  -0.519  1.00 15.91 ? 12  LEU A C   1 
ATOM   62  O O   . LEU A 1 8  ? -6.146  -1.626  -1.177  1.00 16.22 ? 12  LEU A O   1 
ATOM   63  C CB  . LEU A 1 8  ? -5.545  0.199   1.456   1.00 19.49 ? 12  LEU A CB  1 
ATOM   64  C CG  . LEU A 1 8  ? -4.573  1.252   1.990   1.00 15.00 ? 12  LEU A CG  1 
ATOM   65  C CD1 . LEU A 1 8  ? -4.289  1.002   3.454   1.00 17.82 ? 12  LEU A CD1 1 
ATOM   66  C CD2 . LEU A 1 8  ? -3.294  1.181   1.193   1.00 15.20 ? 12  LEU A CD2 1 
ATOM   67  N N   . ASN A 1 9  ? -8.051  -0.891  -0.245  1.00 13.81 ? 13  ASN A N   1 
ATOM   68  C CA  . ASN A 1 9  ? -8.838  -2.006  -0.757  1.00 17.25 ? 13  ASN A CA  1 
ATOM   69  C C   . ASN A 1 9  ? -8.882  -2.020  -2.273  1.00 15.92 ? 13  ASN A C   1 
ATOM   70  O O   . ASN A 1 9  ? -8.889  -3.083  -2.892  1.00 17.07 ? 13  ASN A O   1 
ATOM   71  C CB  . ASN A 1 9  ? -10.258 -1.966  -0.203  1.00 19.08 ? 13  ASN A CB  1 
ATOM   72  C CG  . ASN A 1 9  ? -10.413 -2.805  1.035   1.00 19.81 ? 13  ASN A CG  1 
ATOM   73  O OD1 . ASN A 1 9  ? -9.689  -3.787  1.225   1.00 24.99 ? 13  ASN A OD1 1 
ATOM   74  N ND2 . ASN A 1 9  ? -11.368 -2.443  1.884   1.00 24.45 ? 13  ASN A ND2 1 
ATOM   75  N N   . ALA A 1 10 ? -8.932  -0.835  -2.869  1.00 17.49 ? 14  ALA A N   1 
ATOM   76  C CA  . ALA A 1 10 ? -8.999  -0.724  -4.325  1.00 20.14 ? 14  ALA A CA  1 
ATOM   77  C C   . ALA A 1 10 ? -7.683  -1.205  -4.935  1.00 19.19 ? 14  ALA A C   1 
ATOM   78  O O   . ALA A 1 10 ? -7.660  -1.988  -5.902  1.00 19.99 ? 14  ALA A O   1 
ATOM   79  C CB  . ALA A 1 10 ? -9.298  0.715   -4.741  1.00 22.03 ? 14  ALA A CB  1 
ATOM   80  N N   . LEU A 1 11 ? -6.590  -0.738  -4.345  1.00 12.71 ? 15  LEU A N   1 
ATOM   81  C CA  . LEU A 1 11 ? -5.262  -1.145  -4.755  1.00 14.46 ? 15  LEU A CA  1 
ATOM   82  C C   . LEU A 1 11 ? -5.075  -2.648  -4.634  1.00 13.96 ? 15  LEU A C   1 
ATOM   83  O O   . LEU A 1 11 ? -4.421  -3.266  -5.466  1.00 16.98 ? 15  LEU A O   1 
ATOM   84  C CB  . LEU A 1 11 ? -4.213  -0.441  -3.906  1.00 15.03 ? 15  LEU A CB  1 
ATOM   85  C CG  . LEU A 1 11 ? -4.091  1.070   -4.059  1.00 14.71 ? 15  LEU A CG  1 
ATOM   86  C CD1 . LEU A 1 11 ? -2.990  1.550   -3.113  1.00 16.48 ? 15  LEU A CD1 1 
ATOM   87  C CD2 . LEU A 1 11 ? -3.777  1.441   -5.501  1.00 15.48 ? 15  LEU A CD2 1 
ATOM   88  N N   . ARG A 1 12 ? -5.634  -3.227  -3.578  1.00 14.79 ? 16  ARG A N   1 
ATOM   89  C CA  . ARG A 1 12 ? -5.466  -4.655  -3.308  1.00 16.21 ? 16  ARG A CA  1 
ATOM   90  C C   . ARG A 1 12 ? -6.307  -5.472  -4.273  1.00 17.88 ? 16  ARG A C   1 
ATOM   91  O O   . ARG A 1 12 ? -5.857  -6.470  -4.826  1.00 19.80 ? 16  ARG A O   1 
ATOM   92  C CB  . ARG A 1 12 ? -5.861  -4.981  -1.875  1.00 15.76 ? 16  ARG A CB  1 
ATOM   93  C CG  . ARG A 1 12 ? -5.816  -6.471  -1.554  1.00 14.44 ? 16  ARG A CG  1 
ATOM   94  C CD  . ARG A 1 12 ? -6.592  -6.781  -0.291  1.00 17.05 ? 16  ARG A CD  1 
ATOM   95  N NE  . ARG A 1 12 ? -7.941  -6.221  -0.288  1.00 21.10 ? 16  ARG A NE  1 
ATOM   96  C CZ  . ARG A 1 12 ? -8.984  -6.785  -0.885  1.00 26.91 ? 16  ARG A CZ  1 
ATOM   97  N NH1 . ARG A 1 12 ? -8.824  -7.918  -1.557  1.00 26.05 ? 16  ARG A NH1 1 
ATOM   98  N NH2 . ARG A 1 12 ? -10.183 -6.212  -0.829  1.00 28.52 ? 16  ARG A NH2 1 
ATOM   99  N N   . ARG A 1 13 ? -7.543  -5.033  -4.460  1.00 18.32 ? 17  ARG A N   1 
ATOM   100 C CA  . ARG A 1 13 ? -8.473  -5.709  -5.352  1.00 20.34 ? 17  ARG A CA  1 
ATOM   101 C C   . ARG A 1 13 ? -7.978  -5.684  -6.798  1.00 21.03 ? 17  ARG A C   1 
ATOM   102 O O   . ARG A 1 13 ? -7.938  -6.720  -7.459  1.00 21.86 ? 17  ARG A O   1 
ATOM   103 C CB  . ARG A 1 13 ? -9.862  -5.071  -5.225  1.00 25.33 ? 17  ARG A CB  1 
ATOM   104 C CG  . ARG A 1 13 ? -10.743 -5.149  -6.453  1.00 31.41 ? 17  ARG A CG  1 
ATOM   105 C CD  . ARG A 1 13 ? -12.201 -4.868  -6.095  1.00 33.31 ? 17  ARG A CD  1 
ATOM   106 N NE  . ARG A 1 13 ? -12.370 -3.856  -5.053  1.00 31.24 ? 17  ARG A NE  1 
ATOM   107 C CZ  . ARG A 1 13 ? -12.351 -2.546  -5.276  1.00 32.01 ? 17  ARG A CZ  1 
ATOM   108 N NH1 . ARG A 1 13 ? -12.140 -2.080  -6.502  1.00 31.14 ? 17  ARG A NH1 1 
ATOM   109 N NH2 . ARG A 1 13 ? -12.521 -1.698  -4.272  1.00 31.76 ? 17  ARG A NH2 1 
ATOM   110 N N   . GLU A 1 14 ? -7.580  -4.515  -7.285  1.00 16.89 ? 18  GLU A N   1 
ATOM   111 C CA  . GLU A 1 14 ? -7.185  -4.383  -8.679  1.00 21.18 ? 18  GLU A CA  1 
ATOM   112 C C   . GLU A 1 14 ? -5.752  -4.863  -8.908  1.00 19.54 ? 18  GLU A C   1 
ATOM   113 O O   . GLU A 1 14 ? -5.268  -4.890  -10.043 1.00 21.05 ? 18  GLU A O   1 
ATOM   114 C CB  . GLU A 1 14 ? -7.335  -2.937  -9.139  1.00 21.64 ? 18  GLU A CB  1 
ATOM   115 C CG  . GLU A 1 14 ? -8.696  -2.327  -8.858  1.00 27.03 ? 18  GLU A CG  1 
ATOM   116 C CD  . GLU A 1 14 ? -9.809  -3.023  -9.613  1.00 28.26 ? 18  GLU A CD  1 
ATOM   117 O OE1 . GLU A 1 14 ? -9.555  -3.477  -10.746 1.00 29.09 ? 18  GLU A OE1 1 
ATOM   118 O OE2 . GLU A 1 14 ? -10.935 -3.119  -9.079  1.00 28.83 ? 18  GLU A OE2 1 
ATOM   119 N N   . ARG A 1 15 ? -5.080  -5.222  -7.820  1.00 15.02 ? 19  ARG A N   1 
ATOM   120 C CA  . ARG A 1 15 ? -3.723  -5.735  -7.862  1.00 19.12 ? 19  ARG A CA  1 
ATOM   121 C C   . ARG A 1 15 ? -2.820  -4.750  -8.573  1.00 19.05 ? 19  ARG A C   1 
ATOM   122 O O   . ARG A 1 15 ? -1.962  -5.122  -9.367  1.00 20.88 ? 19  ARG A O   1 
ATOM   123 C CB  . ARG A 1 15 ? -3.699  -7.125  -8.515  1.00 19.36 ? 19  ARG A CB  1 
ATOM   124 C CG  . ARG A 1 15 ? -4.510  -8.122  -7.683  1.00 20.01 ? 19  ARG A CG  1 
ATOM   125 C CD  . ARG A 1 15 ? -4.580  -9.521  -8.273  1.00 26.85 ? 19  ARG A CD  1 
ATOM   126 N NE  . ARG A 1 15 ? -3.369  -10.313 -8.060  1.00 31.86 ? 19  ARG A NE  1 
ATOM   127 C CZ  . ARG A 1 15 ? -3.255  -11.314 -7.186  1.00 23.94 ? 19  ARG A CZ  1 
ATOM   128 N NH1 . ARG A 1 15 ? -4.270  -11.657 -6.404  1.00 25.87 ? 19  ARG A NH1 1 
ATOM   129 N NH2 . ARG A 1 15 ? -2.109  -11.969 -7.089  1.00 28.24 ? 19  ARG A NH2 1 
ATOM   130 N N   . VAL A 1 16 ? -3.031  -3.476  -8.248  1.00 19.74 ? 20  VAL A N   1 
ATOM   131 C CA  . VAL A 1 16 ? -2.277  -2.358  -8.796  1.00 20.59 ? 20  VAL A CA  1 
ATOM   132 C C   . VAL A 1 16 ? -0.881  -2.285  -8.189  1.00 20.18 ? 20  VAL A C   1 
ATOM   133 O O   . VAL A 1 16 ? -0.751  -2.185  -6.979  1.00 19.94 ? 20  VAL A O   1 
ATOM   134 C CB  . VAL A 1 16 ? -3.023  -1.014  -8.515  1.00 18.82 ? 20  VAL A CB  1 
ATOM   135 C CG1 . VAL A 1 16 ? -2.365  0.144   -9.221  1.00 25.60 ? 20  VAL A CG1 1 
ATOM   136 C CG2 . VAL A 1 16 ? -4.449  -1.120  -8.961  1.00 21.50 ? 20  VAL A CG2 1 
ATOM   137 N N   . PRO A 1 17 ? 0.168   -2.349  -9.017  1.00 19.38 ? 21  PRO A N   1 
ATOM   138 C CA  . PRO A 1 17 ? 1.492   -2.074  -8.452  1.00 18.05 ? 21  PRO A CA  1 
ATOM   139 C C   . PRO A 1 17 ? 1.581   -0.692  -7.784  1.00 20.18 ? 21  PRO A C   1 
ATOM   140 O O   . PRO A 1 17 ? 1.156   0.325   -8.356  1.00 13.70 ? 21  PRO A O   1 
ATOM   141 C CB  . PRO A 1 17 ? 2.408   -2.124  -9.669  1.00 23.19 ? 21  PRO A CB  1 
ATOM   142 C CG  . PRO A 1 17 ? 1.642   -2.819  -10.750 1.00 23.74 ? 21  PRO A CG  1 
ATOM   143 C CD  . PRO A 1 17 ? 0.256   -3.117  -10.269 1.00 24.05 ? 21  PRO A CD  1 
ATOM   144 N N   . VAL A 1 18 ? 2.153   -0.652  -6.585  1.00 17.46 ? 22  VAL A N   1 
ATOM   145 C CA  . VAL A 1 18 ? 2.244   0.608   -5.852  1.00 14.35 ? 22  VAL A CA  1 
ATOM   146 C C   . VAL A 1 18 ? 3.687   0.890   -5.434  1.00 17.64 ? 22  VAL A C   1 
ATOM   147 O O   . VAL A 1 18 ? 4.527   -0.014  -5.369  1.00 17.90 ? 22  VAL A O   1 
ATOM   148 C CB  . VAL A 1 18 ? 1.331   0.602   -4.606  1.00 14.66 ? 22  VAL A CB  1 
ATOM   149 C CG1 . VAL A 1 18 ? -0.124  0.330   -4.999  1.00 14.46 ? 22  VAL A CG1 1 
ATOM   150 C CG2 . VAL A 1 18 ? 1.828   -0.405  -3.559  1.00 16.49 ? 22  VAL A CG2 1 
ATOM   151 N N   . SER A 1 19 ? 3.973   2.160   -5.192  1.00 15.17 ? 23  SER A N   1 
ATOM   152 C CA  . SER A 1 19 ? 5.220   2.558   -4.587  1.00 15.13 ? 23  SER A CA  1 
ATOM   153 C C   . SER A 1 19 ? 4.856   2.990   -3.181  1.00 17.27 ? 23  SER A C   1 
ATOM   154 O O   . SER A 1 19 ? 3.957   3.811   -2.999  1.00 12.54 ? 23  SER A O   1 
ATOM   155 C CB  . SER A 1 19 ? 5.892   3.699   -5.361  1.00 17.53 ? 23  SER A CB  1 
ATOM   156 O OG  . SER A 1 19 ? 6.461   3.252   -6.585  1.00 18.98 ? 23  SER A OG  1 
ATOM   157 N N   . ILE A 1 20 ? 5.516   2.421   -2.186  1.00 14.20 ? 24  ILE A N   1 
ATOM   158 C CA  . ILE A 1 20 ? 5.317   2.876   -0.814  1.00 11.47 ? 24  ILE A CA  1 
ATOM   159 C C   . ILE A 1 20 ? 6.575   3.582   -0.349  1.00 15.28 ? 24  ILE A C   1 
ATOM   160 O O   . ILE A 1 20 ? 7.648   2.977   -0.282  1.00 13.14 ? 24  ILE A O   1 
ATOM   161 C CB  . ILE A 1 20 ? 4.975   1.708   0.126   1.00 15.08 ? 24  ILE A CB  1 
ATOM   162 C CG1 . ILE A 1 20 ? 3.543   1.215   -0.138  1.00 16.50 ? 24  ILE A CG1 1 
ATOM   163 C CG2 . ILE A 1 20 ? 5.144   2.139   1.589   1.00 19.51 ? 24  ILE A CG2 1 
ATOM   164 C CD1 . ILE A 1 20 ? 3.206   -0.143  0.542   1.00 14.64 ? 24  ILE A CD1 1 
ATOM   165 N N   . TYR A 1 21 ? 6.455   4.880   -0.064  1.00 12.11 ? 25  TYR A N   1 
ATOM   166 C CA  . TYR A 1 21 ? 7.599   5.638   0.425   1.00 14.87 ? 25  TYR A CA  1 
ATOM   167 C C   . TYR A 1 21 ? 7.569   5.618   1.939   1.00 15.54 ? 25  TYR A C   1 
ATOM   168 O O   . TYR A 1 21 ? 6.512   5.819   2.546   1.00 13.35 ? 25  TYR A O   1 
ATOM   169 C CB  . TYR A 1 21 ? 7.583   7.067   -0.115  1.00 19.13 ? 25  TYR A CB  1 
ATOM   170 C CG  . TYR A 1 21 ? 7.790   7.101   -1.609  1.00 17.84 ? 25  TYR A CG  1 
ATOM   171 C CD1 . TYR A 1 21 ? 6.715   6.957   -2.480  1.00 17.96 ? 25  TYR A CD1 1 
ATOM   172 C CD2 . TYR A 1 21 ? 9.066   7.240   -2.152  1.00 18.46 ? 25  TYR A CD2 1 
ATOM   173 C CE1 . TYR A 1 21 ? 6.894   6.975   -3.854  1.00 21.01 ? 25  TYR A CE1 1 
ATOM   174 C CE2 . TYR A 1 21 ? 9.255   7.258   -3.534  1.00 22.48 ? 25  TYR A CE2 1 
ATOM   175 C CZ  . TYR A 1 21 ? 8.164   7.133   -4.375  1.00 25.11 ? 25  TYR A CZ  1 
ATOM   176 O OH  . TYR A 1 21 ? 8.337   7.151   -5.744  1.00 24.36 ? 25  TYR A OH  1 
ATOM   177 N N   . LEU A 1 22 ? 8.715   5.334   2.547   1.00 12.16 ? 26  LEU A N   1 
ATOM   178 C CA  . LEU A 1 22 ? 8.772   5.278   3.991   1.00 13.31 ? 26  LEU A CA  1 
ATOM   179 C C   . LEU A 1 22 ? 9.265   6.597   4.553   1.00 16.48 ? 26  LEU A C   1 
ATOM   180 O O   . LEU A 1 22 ? 9.854   7.414   3.839   1.00 16.04 ? 26  LEU A O   1 
ATOM   181 C CB  . LEU A 1 22 ? 9.679   4.148   4.445   1.00 15.54 ? 26  LEU A CB  1 
ATOM   182 C CG  . LEU A 1 22 ? 9.392   2.782   3.847   1.00 14.50 ? 26  LEU A CG  1 
ATOM   183 C CD1 . LEU A 1 22 ? 10.502  1.816   4.227   1.00 15.99 ? 26  LEU A CD1 1 
ATOM   184 C CD2 . LEU A 1 22 ? 8.080   2.304   4.389   1.00 14.96 ? 26  LEU A CD2 1 
ATOM   185 N N   . VAL A 1 23 ? 9.083   6.776   5.850   1.00 17.21 ? 27  VAL A N   1 
ATOM   186 C CA  . VAL A 1 23 ? 9.379   8.047   6.483   1.00 18.26 ? 27  VAL A CA  1 
ATOM   187 C C   . VAL A 1 23 ? 10.859  8.429   6.364   1.00 19.34 ? 27  VAL A C   1 
ATOM   188 O O   . VAL A 1 23 ? 11.238  9.545   6.692   1.00 24.34 ? 27  VAL A O   1 
ATOM   189 C CB  . VAL A 1 23 ? 8.956   8.031   7.964   1.00 17.83 ? 27  VAL A CB  1 
ATOM   190 C CG1 . VAL A 1 23 ? 7.431   8.053   8.077   1.00 14.18 ? 27  VAL A CG1 1 
ATOM   191 C CG2 . VAL A 1 23 ? 9.542   6.812   8.687   1.00 16.06 ? 27  VAL A CG2 1 
ATOM   192 N N   . ASN A 1 24 ? 11.696  7.505   5.895   1.00 16.96 ? 28  ASN A N   1 
ATOM   193 C CA  . ASN A 1 24 ? 13.112  7.796   5.718   1.00 21.04 ? 28  ASN A CA  1 
ATOM   194 C C   . ASN A 1 24 ? 13.467  8.071   4.249   1.00 22.92 ? 28  ASN A C   1 
ATOM   195 O O   . ASN A 1 24 ? 14.626  8.313   3.914   1.00 24.12 ? 28  ASN A O   1 
ATOM   196 C CB  . ASN A 1 24 ? 13.958  6.645   6.270   1.00 24.87 ? 28  ASN A CB  1 
ATOM   197 C CG  . ASN A 1 24 ? 13.625  5.318   5.620   1.00 21.66 ? 28  ASN A CG  1 
ATOM   198 O OD1 . ASN A 1 24 ? 12.966  5.282   4.586   1.00 22.53 ? 28  ASN A OD1 1 
ATOM   199 N ND2 . ASN A 1 24 ? 14.070  4.221   6.224   1.00 24.22 ? 28  ASN A ND2 1 
ATOM   200 N N   . GLY A 1 25 ? 12.468  8.042   3.375   1.00 19.53 ? 29  GLY A N   1 
ATOM   201 C CA  . GLY A 1 25 ? 12.693  8.346   1.969   1.00 20.62 ? 29  GLY A CA  1 
ATOM   202 C C   . GLY A 1 25 ? 12.916  7.113   1.100   1.00 18.67 ? 29  GLY A C   1 
ATOM   203 O O   . GLY A 1 25 ? 12.920  7.210   -0.116  1.00 21.26 ? 29  GLY A O   1 
ATOM   204 N N   . ILE A 1 26 ? 13.105  5.958   1.724   1.00 18.24 ? 30  ILE A N   1 
ATOM   205 C CA  . ILE A 1 26 ? 13.265  4.709   0.976   1.00 16.81 ? 30  ILE A CA  1 
ATOM   206 C C   . ILE A 1 26 ? 11.947  4.294   0.328   1.00 17.28 ? 30  ILE A C   1 
ATOM   207 O O   . ILE A 1 26 ? 10.891  4.340   0.968   1.00 17.91 ? 30  ILE A O   1 
ATOM   208 C CB  . ILE A 1 26 ? 13.770  3.576   1.884   1.00 19.53 ? 30  ILE A CB  1 
ATOM   209 C CG1 . ILE A 1 26 ? 15.099  3.984   2.525   1.00 25.29 ? 30  ILE A CG1 1 
ATOM   210 C CG2 . ILE A 1 26 ? 13.908  2.289   1.100   1.00 19.63 ? 30  ILE A CG2 1 
ATOM   211 C CD1 . ILE A 1 26 ? 16.136  4.463   1.515   1.00 26.63 ? 30  ILE A CD1 1 
ATOM   212 N N   . LYS A 1 27 ? 12.020  3.889   -0.939  1.00 16.39 ? 31  LYS A N   1 
ATOM   213 C CA  . LYS A 1 27 ? 10.853  3.485   -1.722  1.00 16.70 ? 31  LYS A CA  1 
ATOM   214 C C   . LYS A 1 27 ? 10.709  1.964   -1.819  1.00 21.89 ? 31  LYS A C   1 
ATOM   215 O O   . LYS A 1 27 ? 11.667  1.253   -2.169  1.00 16.68 ? 31  LYS A O   1 
ATOM   216 C CB  . LYS A 1 27 ? 10.952  4.088   -3.123  1.00 19.36 ? 31  LYS A CB  1 
ATOM   217 C CG  . LYS A 1 27 ? 10.084  3.438   -4.185  1.00 23.45 ? 31  LYS A CG  1 
ATOM   218 C CD  . LYS A 1 27 ? 10.557  3.896   -5.559  1.00 25.02 ? 31  LYS A CD  1 
ATOM   219 C CE  . LYS A 1 27 ? 9.782   3.260   -6.675  1.00 27.93 ? 31  LYS A CE  1 
ATOM   220 N NZ  . LYS A 1 27 ? 9.914   4.051   -7.936  1.00 35.98 ? 31  LYS A NZ  1 
ATOM   221 N N   . LEU A 1 28 ? 9.521   1.455   -1.505  1.00 14.01 ? 32  LEU A N   1 
ATOM   222 C CA  . LEU A 1 28 ? 9.257   0.025   -1.647  1.00 16.36 ? 32  LEU A CA  1 
ATOM   223 C C   . LEU A 1 28 ? 8.224   -0.163  -2.733  1.00 21.16 ? 32  LEU A C   1 
ATOM   224 O O   . LEU A 1 28 ? 7.386   0.707   -2.949  1.00 15.07 ? 32  LEU A O   1 
ATOM   225 C CB  . LEU A 1 28 ? 8.749   -0.594  -0.344  1.00 17.55 ? 32  LEU A CB  1 
ATOM   226 C CG  . LEU A 1 28 ? 9.334   -0.122  0.995   1.00 17.44 ? 32  LEU A CG  1 
ATOM   227 C CD1 . LEU A 1 28 ? 8.642   -0.823  2.164   1.00 14.89 ? 32  LEU A CD1 1 
ATOM   228 C CD2 . LEU A 1 28 ? 10.816  -0.391  1.032   1.00 22.89 ? 32  LEU A CD2 1 
ATOM   229 N N   . GLN A 1 29 ? 8.269   -1.299  -3.410  1.00 15.63 ? 33  GLN A N   1 
ATOM   230 C CA  . GLN A 1 29 ? 7.335   -1.535  -4.505  1.00 16.57 ? 33  GLN A CA  1 
ATOM   231 C C   . GLN A 1 29 ? 6.777   -2.917  -4.445  1.00 19.57 ? 33  GLN A C   1 
ATOM   232 O O   . GLN A 1 29 ? 7.429   -3.848  -3.962  1.00 18.96 ? 33  GLN A O   1 
ATOM   233 C CB  . GLN A 1 29 ? 8.003   -1.351  -5.859  1.00 20.55 ? 33  GLN A CB  1 
ATOM   234 C CG  . GLN A 1 29 ? 8.531   0.013   -6.146  1.00 20.71 ? 33  GLN A CG  1 
ATOM   235 C CD  . GLN A 1 29 ? 9.149   0.057   -7.522  1.00 29.65 ? 33  GLN A CD  1 
ATOM   236 O OE1 . GLN A 1 29 ? 8.497   0.438   -8.491  1.00 31.16 ? 33  GLN A OE1 1 
ATOM   237 N NE2 . GLN A 1 29 ? 10.401  -0.371  -7.621  1.00 32.12 ? 33  GLN A NE2 1 
ATOM   238 N N   . GLY A 1 30 ? 5.572   -3.060  -4.976  1.00 14.57 ? 34  GLY A N   1 
ATOM   239 C CA  . GLY A 1 30 ? 4.955   -4.357  -5.073  1.00 18.83 ? 34  GLY A CA  1 
ATOM   240 C C   . GLY A 1 30 ? 3.466   -4.161  -5.099  1.00 16.36 ? 34  GLY A C   1 
ATOM   241 O O   . GLY A 1 30 ? 2.990   -3.082  -5.441  1.00 15.72 ? 34  GLY A O   1 
ATOM   242 N N   . GLN A 1 31 ? 2.739   -5.209  -4.733  1.00 19.16 ? 35  GLN A N   1 
ATOM   243 C CA  . GLN A 1 31 ? 1.292   -5.172  -4.712  1.00 16.43 ? 35  GLN A CA  1 
ATOM   244 C C   . GLN A 1 31 ? 0.813   -5.414  -3.299  1.00 16.91 ? 35  GLN A C   1 
ATOM   245 O O   . GLN A 1 31 ? 1.366   -6.244  -2.583  1.00 15.52 ? 35  GLN A O   1 
ATOM   246 C CB  . GLN A 1 31 ? 0.711   -6.212  -5.663  1.00 17.61 ? 35  GLN A CB  1 
ATOM   247 C CG  . GLN A 1 31 ? 1.023   -5.923  -7.124  1.00 18.79 ? 35  GLN A CG  1 
ATOM   248 C CD  . GLN A 1 31 ? 0.614   -7.058  -8.040  1.00 22.34 ? 35  GLN A CD  1 
ATOM   249 O OE1 . GLN A 1 31 ? -0.055  -8.006  -7.619  1.00 27.29 ? 35  GLN A OE1 1 
ATOM   250 N NE2 . GLN A 1 31 ? 1.034   -6.977  -9.303  1.00 24.28 ? 35  GLN A NE2 1 
ATOM   251 N N   . ILE A 1 32 ? -0.212  -4.673  -2.902  1.00 17.18 ? 36  ILE A N   1 
ATOM   252 C CA  . ILE A 1 32 ? -0.734  -4.779  -1.552  1.00 15.81 ? 36  ILE A CA  1 
ATOM   253 C C   . ILE A 1 32 ? -1.514  -6.075  -1.424  1.00 17.60 ? 36  ILE A C   1 
ATOM   254 O O   . ILE A 1 32 ? -2.534  -6.271  -2.073  1.00 16.28 ? 36  ILE A O   1 
ATOM   255 C CB  . ILE A 1 32 ? -1.608  -3.574  -1.198  1.00 15.07 ? 36  ILE A CB  1 
ATOM   256 C CG1 . ILE A 1 32 ? -0.709  -2.352  -0.991  1.00 17.03 ? 36  ILE A CG1 1 
ATOM   257 C CG2 . ILE A 1 32 ? -2.390  -3.859  0.076   1.00 14.94 ? 36  ILE A CG2 1 
ATOM   258 C CD1 . ILE A 1 32 ? -1.445  -1.054  -0.990  1.00 23.17 ? 36  ILE A CD1 1 
ATOM   259 N N   . GLU A 1 33 ? -1.010  -6.953  -0.572  1.00 16.25 ? 37  GLU A N   1 
ATOM   260 C CA  . GLU A 1 33 ? -1.540  -8.290  -0.399  1.00 17.43 ? 37  GLU A CA  1 
ATOM   261 C C   . GLU A 1 33 ? -2.687  -8.314  0.595   1.00 17.79 ? 37  GLU A C   1 
ATOM   262 O O   . GLU A 1 33 ? -3.729  -8.919  0.346   1.00 15.96 ? 37  GLU A O   1 
ATOM   263 C CB  . GLU A 1 33 ? -0.410  -9.209  0.054   1.00 20.38 ? 37  GLU A CB  1 
ATOM   264 C CG  . GLU A 1 33 ? -0.808  -10.595 0.412   1.00 26.34 ? 37  GLU A CG  1 
ATOM   265 C CD  . GLU A 1 33 ? 0.400   -11.416 0.810   1.00 29.15 ? 37  GLU A CD  1 
ATOM   266 O OE1 . GLU A 1 33 ? 1.513   -10.835 0.888   1.00 24.93 ? 37  GLU A OE1 1 
ATOM   267 O OE2 . GLU A 1 33 ? 0.232   -12.630 1.044   1.00 37.62 ? 37  GLU A OE2 1 
ATOM   268 N N   . SER A 1 34 ? -2.480  -7.658  1.733   1.00 14.70 ? 38  SER A N   1 
ATOM   269 C CA  . SER A 1 34 ? -3.525  -7.444  2.721   1.00 11.10 ? 38  SER A CA  1 
ATOM   270 C C   . SER A 1 34 ? -3.073  -6.306  3.627   1.00 13.82 ? 38  SER A C   1 
ATOM   271 O O   . SER A 1 34 ? -1.919  -5.883  3.562   1.00 12.50 ? 38  SER A O   1 
ATOM   272 C CB  . SER A 1 34 ? -3.790  -8.704  3.535   1.00 17.80 ? 38  SER A CB  1 
ATOM   273 O OG  . SER A 1 34 ? -2.597  -9.148  4.145   1.00 22.84 ? 38  SER A OG  1 
ATOM   274 N N   . PHE A 1 35 ? -3.975  -5.799  4.452   1.00 12.59 ? 39  PHE A N   1 
ATOM   275 C CA  . PHE A 1 35 ? -3.605  -4.745  5.397   1.00 13.93 ? 39  PHE A CA  1 
ATOM   276 C C   . PHE A 1 35 ? -4.562  -4.778  6.572   1.00 14.80 ? 39  PHE A C   1 
ATOM   277 O O   . PHE A 1 35 ? -5.624  -5.405  6.502   1.00 15.15 ? 39  PHE A O   1 
ATOM   278 C CB  . PHE A 1 35 ? -3.608  -3.367  4.720   1.00 14.47 ? 39  PHE A CB  1 
ATOM   279 C CG  . PHE A 1 35 ? -4.965  -2.928  4.221   1.00 14.66 ? 39  PHE A CG  1 
ATOM   280 C CD1 . PHE A 1 35 ? -5.454  -3.382  2.997   1.00 19.47 ? 39  PHE A CD1 1 
ATOM   281 C CD2 . PHE A 1 35 ? -5.751  -2.080  4.986   1.00 20.34 ? 39  PHE A CD2 1 
ATOM   282 C CE1 . PHE A 1 35 ? -6.697  -3.002  2.549   1.00 17.49 ? 39  PHE A CE1 1 
ATOM   283 C CE2 . PHE A 1 35 ? -7.005  -1.676  4.536   1.00 18.67 ? 39  PHE A CE2 1 
ATOM   284 C CZ  . PHE A 1 35 ? -7.472  -2.139  3.324   1.00 21.64 ? 39  PHE A CZ  1 
ATOM   285 N N   . ASP A 1 36 ? -4.167  -4.147  7.668   1.00 15.54 ? 40  ASP A N   1 
ATOM   286 C CA  . ASP A 1 36 ? -5.120  -3.793  8.700   1.00 16.68 ? 40  ASP A CA  1 
ATOM   287 C C   . ASP A 1 36 ? -4.779  -2.391  9.168   1.00 18.95 ? 40  ASP A C   1 
ATOM   288 O O   . ASP A 1 36 ? -4.245  -1.585  8.407   1.00 19.10 ? 40  ASP A O   1 
ATOM   289 C CB  . ASP A 1 36 ? -5.152  -4.808  9.870   1.00 17.79 ? 40  ASP A CB  1 
ATOM   290 C CG  . ASP A 1 36 ? -3.817  -4.985  10.580  1.00 21.29 ? 40  ASP A CG  1 
ATOM   291 O OD1 . ASP A 1 36 ? -2.889  -4.150  10.444  1.00 17.17 ? 40  ASP A OD1 1 
ATOM   292 O OD2 . ASP A 1 36 ? -3.715  -5.977  11.334  1.00 23.20 ? 40  ASP A OD2 1 
ATOM   293 N N   . GLN A 1 37 ? -5.088  -2.101  10.416  1.00 19.16 ? 41  GLN A N   1 
ATOM   294 C CA  . GLN A 1 37 ? -4.876  -0.753  10.915  1.00 17.98 ? 41  GLN A CA  1 
ATOM   295 C C   . GLN A 1 37 ? -3.452  -0.494  11.344  1.00 20.53 ? 41  GLN A C   1 
ATOM   296 O O   . GLN A 1 37 ? -3.094  0.652   11.639  1.00 20.73 ? 41  GLN A O   1 
ATOM   297 C CB  . GLN A 1 37 ? -5.817  -0.473  12.069  1.00 17.59 ? 41  GLN A CB  1 
ATOM   298 C CG  . GLN A 1 37 ? -7.234  -0.285  11.618  1.00 15.79 ? 41  GLN A CG  1 
ATOM   299 C CD  . GLN A 1 37 ? -8.184  -0.241  12.780  1.00 18.44 ? 41  GLN A CD  1 
ATOM   300 O OE1 . GLN A 1 37 ? -8.526  -1.275  13.346  1.00 15.38 ? 41  GLN A OE1 1 
ATOM   301 N NE2 . GLN A 1 37 ? -8.612  0.967   13.157  1.00 18.49 ? 41  GLN A NE2 1 
ATOM   302 N N   . PHE A 1 38 ? -2.617  -1.537  11.344  1.00 15.95 ? 42  PHE A N   1 
ATOM   303 C CA  . PHE A 1 38 ? -1.240  -1.355  11.776  1.00 17.01 ? 42  PHE A CA  1 
ATOM   304 C C   . PHE A 1 38 ? -0.193  -1.649  10.714  1.00 13.42 ? 42  PHE A C   1 
ATOM   305 O O   . PHE A 1 38 ? 0.848   -1.003  10.691  1.00 13.37 ? 42  PHE A O   1 
ATOM   306 C CB  . PHE A 1 38 ? -0.959  -2.214  13.007  1.00 18.21 ? 42  PHE A CB  1 
ATOM   307 C CG  . PHE A 1 38 ? -1.664  -1.734  14.230  1.00 17.46 ? 42  PHE A CG  1 
ATOM   308 C CD1 . PHE A 1 38 ? -2.872  -2.289  14.610  1.00 21.37 ? 42  PHE A CD1 1 
ATOM   309 C CD2 . PHE A 1 38 ? -1.132  -0.705  14.986  1.00 24.99 ? 42  PHE A CD2 1 
ATOM   310 C CE1 . PHE A 1 38 ? -3.539  -1.820  15.734  1.00 22.29 ? 42  PHE A CE1 1 
ATOM   311 C CE2 . PHE A 1 38 ? -1.785  -0.242  16.114  1.00 26.56 ? 42  PHE A CE2 1 
ATOM   312 C CZ  . PHE A 1 38 ? -2.990  -0.803  16.485  1.00 27.32 ? 42  PHE A CZ  1 
ATOM   313 N N   . VAL A 1 39 ? -0.456  -2.612  9.836   1.00 11.83 ? 43  VAL A N   1 
ATOM   314 C CA  . VAL A 1 39 ? 0.542   -2.976  8.840   1.00 10.77 ? 43  VAL A CA  1 
ATOM   315 C C   . VAL A 1 39 ? -0.047  -3.149  7.445   1.00 13.72 ? 43  VAL A C   1 
ATOM   316 O O   . VAL A 1 39 ? -1.271  -3.295  7.279   1.00 12.23 ? 43  VAL A O   1 
ATOM   317 C CB  . VAL A 1 39 ? 1.300   -4.289  9.220   1.00 12.12 ? 43  VAL A CB  1 
ATOM   318 C CG1 . VAL A 1 39 ? 1.984   -4.170  10.601  1.00 14.01 ? 43  VAL A CG1 1 
ATOM   319 C CG2 . VAL A 1 39 ? 0.362   -5.528  9.167   1.00 13.95 ? 43  VAL A CG2 1 
ATOM   320 N N   . ILE A 1 40 ? 0.839   -3.122  6.451   1.00 8.90  ? 44  ILE A N   1 
ATOM   321 C CA  . ILE A 1 40 ? 0.503   -3.545  5.086   1.00 11.67 ? 44  ILE A CA  1 
ATOM   322 C C   . ILE A 1 40 ? 1.392   -4.706  4.676   1.00 14.21 ? 44  ILE A C   1 
ATOM   323 O O   . ILE A 1 40 ? 2.603   -4.660  4.896   1.00 9.28  ? 44  ILE A O   1 
ATOM   324 C CB  . ILE A 1 40 ? 0.666   -2.385  4.088   1.00 13.04 ? 44  ILE A CB  1 
ATOM   325 C CG1 . ILE A 1 40 ? -0.280  -1.249  4.459   1.00 8.60  ? 44  ILE A CG1 1 
ATOM   326 C CG2 . ILE A 1 40 ? 0.427   -2.835  2.654   1.00 15.15 ? 44  ILE A CG2 1 
ATOM   327 C CD1 . ILE A 1 40 ? -0.003  0.015   3.698   1.00 9.14  ? 44  ILE A CD1 1 
ATOM   328 N N   . LEU A 1 41 ? 0.799   -5.757  4.104   1.00 11.94 ? 45  LEU A N   1 
ATOM   329 C CA  . LEU A 1 41 ? 1.597   -6.834  3.535   1.00 10.66 ? 45  LEU A CA  1 
ATOM   330 C C   . LEU A 1 41 ? 1.830   -6.506  2.065   1.00 16.11 ? 45  LEU A C   1 
ATOM   331 O O   . LEU A 1 41 ? 0.874   -6.362  1.278   1.00 13.89 ? 45  LEU A O   1 
ATOM   332 C CB  . LEU A 1 41 ? 0.921   -8.208  3.711   1.00 15.10 ? 45  LEU A CB  1 
ATOM   333 C CG  . LEU A 1 41 ? 0.792   -8.666  5.169   1.00 14.72 ? 45  LEU A CG  1 
ATOM   334 C CD1 . LEU A 1 41 ? 0.514   -10.160 5.269   1.00 23.14 ? 45  LEU A CD1 1 
ATOM   335 C CD2 . LEU A 1 41 ? 2.036   -8.311  5.991   1.00 15.11 ? 45  LEU A CD2 1 
ATOM   336 N N   . LEU A 1 42 ? 3.105   -6.365  1.715   1.00 11.36 ? 46  LEU A N   1 
ATOM   337 C CA  . LEU A 1 42 ? 3.523   -5.924  0.394   1.00 13.92 ? 46  LEU A CA  1 
ATOM   338 C C   . LEU A 1 42 ? 4.222   -7.068  -0.325  1.00 19.97 ? 46  LEU A C   1 
ATOM   339 O O   . LEU A 1 42 ? 5.234   -7.573  0.168   1.00 17.15 ? 46  LEU A O   1 
ATOM   340 C CB  . LEU A 1 42 ? 4.449   -4.702  0.508   1.00 15.87 ? 46  LEU A CB  1 
ATOM   341 C CG  . LEU A 1 42 ? 4.827   -4.013  -0.813  1.00 16.59 ? 46  LEU A CG  1 
ATOM   342 C CD1 . LEU A 1 42 ? 3.614   -3.325  -1.436  1.00 17.31 ? 46  LEU A CD1 1 
ATOM   343 C CD2 . LEU A 1 42 ? 5.952   -3.015  -0.615  1.00 18.15 ? 46  LEU A CD2 1 
ATOM   344 N N   . LYS A 1 43 ? 3.682   -7.493  -1.471  1.00 14.27 ? 47  LYS A N   1 
ATOM   345 C CA  . LYS A 1 43 ? 4.177   -8.702  -2.120  1.00 20.17 ? 47  LYS A CA  1 
ATOM   346 C C   . LYS A 1 43 ? 4.966   -8.435  -3.391  1.00 23.68 ? 47  LYS A C   1 
ATOM   347 O O   . LYS A 1 43 ? 4.713   -7.451  -4.096  1.00 22.95 ? 47  LYS A O   1 
ATOM   348 C CB  . LYS A 1 43 ? 3.005   -9.645  -2.428  1.00 21.43 ? 47  LYS A CB  1 
ATOM   349 C CG  . LYS A 1 43 ? 3.358   -10.914 -3.218  1.00 25.91 ? 47  LYS A CG  1 
ATOM   350 C CD  . LYS A 1 43 ? 4.304   -11.820 -2.436  1.00 27.62 ? 47  LYS A CD  1 
ATOM   351 C CE  . LYS A 1 43 ? 4.430   -13.204 -3.084  1.00 27.09 ? 47  LYS A CE  1 
ATOM   352 N NZ  . LYS A 1 43 ? 4.908   -13.135 -4.502  1.00 30.37 ? 47  LYS A NZ  1 
ATOM   353 N N   . ASN A 1 44 ? 5.968   -9.296  -3.613  1.00 32.06 ? 48  ASN A N   1 
ATOM   354 C CA  . ASN A 1 44 ? 6.512   -9.650  -4.932  1.00 36.79 ? 48  ASN A CA  1 
ATOM   355 C C   . ASN A 1 44 ? 7.332   -10.974 -4.859  1.00 30.74 ? 48  ASN A C   1 
ATOM   356 O O   . ASN A 1 44 ? 6.808   -12.033 -5.200  1.00 40.42 ? 48  ASN A O   1 
ATOM   357 C CB  . ASN A 1 44 ? 7.331   -8.492  -5.534  1.00 34.16 ? 48  ASN A CB  1 
ATOM   358 C CG  . ASN A 1 44 ? 8.540   -8.097  -4.694  1.00 43.29 ? 48  ASN A CG  1 
ATOM   359 O OD1 . ASN A 1 44 ? 8.955   -8.819  -3.785  1.00 44.30 ? 48  ASN A OD1 1 
ATOM   360 N ND2 . ASN A 1 44 ? 9.119   -6.942  -5.013  1.00 41.47 ? 48  ASN A ND2 1 
ATOM   361 N N   . THR A 1 45 ? 8.585   -10.924 -4.407  1.00 34.43 ? 49  THR A N   1 
ATOM   362 C CA  . THR A 1 45 ? 9.402   -12.130 -4.210  1.00 30.59 ? 49  THR A CA  1 
ATOM   363 C C   . THR A 1 45 ? 8.967   -12.856 -2.937  1.00 32.25 ? 49  THR A C   1 
ATOM   364 O O   . THR A 1 45 ? 8.685   -14.055 -2.925  1.00 27.92 ? 49  THR A O   1 
ATOM   365 C CB  . THR A 1 45 ? 10.908  -11.787 -4.078  1.00 45.02 ? 49  THR A CB  1 
ATOM   366 O OG1 . THR A 1 45 ? 11.262  -10.750 -5.007  1.00 50.30 ? 49  THR A OG1 1 
ATOM   367 C CG2 . THR A 1 45 ? 11.774  -13.027 -4.315  1.00 40.84 ? 49  THR A CG2 1 
ATOM   368 N N   . VAL A 1 46 ? 8.964   -12.104 -1.846  1.00 28.16 ? 50  VAL A N   1 
ATOM   369 C CA  . VAL A 1 46 ? 8.366   -12.536 -0.601  1.00 26.37 ? 50  VAL A CA  1 
ATOM   370 C C   . VAL A 1 46 ? 7.347   -11.489 -0.173  1.00 20.86 ? 50  VAL A C   1 
ATOM   371 O O   . VAL A 1 46 ? 7.376   -10.358 -0.643  1.00 23.11 ? 50  VAL A O   1 
ATOM   372 C CB  . VAL A 1 46 ? 9.402   -12.701 0.518   1.00 24.03 ? 50  VAL A CB  1 
ATOM   373 C CG1 . VAL A 1 46 ? 10.479  -13.705 0.111   1.00 27.32 ? 50  VAL A CG1 1 
ATOM   374 C CG2 . VAL A 1 46 ? 10.013  -11.344 0.871   1.00 23.35 ? 50  VAL A CG2 1 
ATOM   375 N N   . SER A 1 47 ? 6.460   -11.865 0.734   1.00 16.93 ? 51  SER A N   1 
ATOM   376 C CA  . SER A 1 47 ? 5.632   -10.875 1.402   1.00 18.37 ? 51  SER A CA  1 
ATOM   377 C C   . SER A 1 47 ? 6.453   -10.189 2.489   1.00 19.03 ? 51  SER A C   1 
ATOM   378 O O   . SER A 1 47 ? 7.127   -10.858 3.292   1.00 16.52 ? 51  SER A O   1 
ATOM   379 C CB  . SER A 1 47 ? 4.389   -11.524 1.998   1.00 22.84 ? 51  SER A CB  1 
ATOM   380 O OG  . SER A 1 47 ? 3.693   -12.260 1.012   1.00 28.77 ? 51  SER A OG  1 
ATOM   381 N N   . GLN A 1 48 ? 6.437   -8.865  2.488   1.00 13.18 ? 52  GLN A N   1 
ATOM   382 C CA  . GLN A 1 48 ? 7.087   -8.118  3.561   1.00 17.33 ? 52  GLN A CA  1 
ATOM   383 C C   . GLN A 1 48 ? 6.035   -7.331  4.309   1.00 16.38 ? 52  GLN A C   1 
ATOM   384 O O   . GLN A 1 48 ? 5.034   -6.903  3.736   1.00 12.63 ? 52  GLN A O   1 
ATOM   385 C CB  . GLN A 1 48 ? 8.196   -7.192  3.041   1.00 16.42 ? 52  GLN A CB  1 
ATOM   386 C CG  . GLN A 1 48 ? 7.782   -6.026  2.136   1.00 17.56 ? 52  GLN A CG  1 
ATOM   387 C CD  . GLN A 1 48 ? 8.982   -5.172  1.692   1.00 21.78 ? 52  GLN A CD  1 
ATOM   388 O OE1 . GLN A 1 48 ? 9.655   -4.540  2.518   1.00 17.59 ? 52  GLN A OE1 1 
ATOM   389 N NE2 . GLN A 1 48 ? 9.256   -5.159  0.384   1.00 20.52 ? 52  GLN A NE2 1 
ATOM   390 N N   . MET A 1 49 ? 6.266   -7.158  5.604   1.00 12.19 ? 53  MET A N   1 
ATOM   391 C CA  . MET A 1 49 ? 5.299   -6.501  6.452   1.00 14.13 ? 53  MET A CA  1 
ATOM   392 C C   . MET A 1 49 ? 5.775   -5.092  6.711   1.00 14.31 ? 53  MET A C   1 
ATOM   393 O O   . MET A 1 49 ? 6.842   -4.890  7.306   1.00 10.22 ? 53  MET A O   1 
ATOM   394 C CB  . MET A 1 49 ? 5.108   -7.255  7.770   1.00 13.80 ? 53  MET A CB  1 
ATOM   395 C CG  . MET A 1 49 ? 4.019   -6.670  8.643   1.00 11.70 ? 53  MET A CG  1 
ATOM   396 S SD  . MET A 1 49 ? 3.785   -7.576  10.195  1.00 17.85 ? 53  MET A SD  1 
ATOM   397 C CE  . MET A 1 49 ? 5.348   -7.240  11.024  1.00 16.33 ? 53  MET A CE  1 
ATOM   398 N N   . VAL A 1 50 ? 4.981   -4.133  6.249   1.00 10.52 ? 54  VAL A N   1 
ATOM   399 C CA  . VAL A 1 50 ? 5.293   -2.707  6.356   1.00 11.10 ? 54  VAL A CA  1 
ATOM   400 C C   . VAL A 1 50 ? 4.425   -2.073  7.437   1.00 11.04 ? 54  VAL A C   1 
ATOM   401 O O   . VAL A 1 50 ? 3.199   -2.178  7.409   1.00 9.97  ? 54  VAL A O   1 
ATOM   402 C CB  . VAL A 1 50 ? 5.060   -1.960  5.010   1.00 11.73 ? 54  VAL A CB  1 
ATOM   403 C CG1 . VAL A 1 50 ? 5.536   -0.535  5.111   1.00 11.39 ? 54  VAL A CG1 1 
ATOM   404 C CG2 . VAL A 1 50 ? 5.799   -2.650  3.876   1.00 10.66 ? 54  VAL A CG2 1 
ATOM   405 N N   . TYR A 1 51 ? 5.071   -1.439  8.399   1.00 10.31 ? 55  TYR A N   1 
ATOM   406 C CA  . TYR A 1 51 ? 4.372   -0.758  9.470   1.00 10.26 ? 55  TYR A CA  1 
ATOM   407 C C   . TYR A 1 51 ? 3.858   0.575   8.981   1.00 8.32  ? 55  TYR A C   1 
ATOM   408 O O   . TYR A 1 51 ? 4.642   1.379   8.465   1.00 10.07 ? 55  TYR A O   1 
ATOM   409 C CB  . TYR A 1 51 ? 5.295   -0.571  10.654  1.00 12.04 ? 55  TYR A CB  1 
ATOM   410 C CG  . TYR A 1 51 ? 5.420   -1.815  11.496  1.00 12.18 ? 55  TYR A CG  1 
ATOM   411 C CD1 . TYR A 1 51 ? 4.408   -2.183  12.371  1.00 12.72 ? 55  TYR A CD1 1 
ATOM   412 C CD2 . TYR A 1 51 ? 6.544   -2.627  11.403  1.00 15.46 ? 55  TYR A CD2 1 
ATOM   413 C CE1 . TYR A 1 51 ? 4.529   -3.313  13.156  1.00 15.89 ? 55  TYR A CE1 1 
ATOM   414 C CE2 . TYR A 1 51 ? 6.664   -3.766  12.153  1.00 13.72 ? 55  TYR A CE2 1 
ATOM   415 C CZ  . TYR A 1 51 ? 5.654   -4.102  13.034  1.00 15.31 ? 55  TYR A CZ  1 
ATOM   416 O OH  . TYR A 1 51 ? 5.778   -5.241  13.786  1.00 19.26 ? 55  TYR A OH  1 
ATOM   417 N N   . LYS A 1 52 ? 2.553   0.799   9.119   1.00 9.76  ? 56  LYS A N   1 
ATOM   418 C CA  . LYS A 1 52 ? 1.935   2.051   8.673   1.00 10.98 ? 56  LYS A CA  1 
ATOM   419 C C   . LYS A 1 52 ? 2.550   3.276   9.340   1.00 14.75 ? 56  LYS A C   1 
ATOM   420 O O   . LYS A 1 52 ? 2.616   4.341   8.717   1.00 9.94  ? 56  LYS A O   1 
ATOM   421 C CB  . LYS A 1 52 ? 0.426   2.026   8.918   1.00 11.50 ? 56  LYS A CB  1 
ATOM   422 C CG  . LYS A 1 52 ? -0.324  1.128   7.962   1.00 14.73 ? 56  LYS A CG  1 
ATOM   423 C CD  . LYS A 1 52 ? -1.829  1.199   8.209   1.00 17.50 ? 56  LYS A CD  1 
ATOM   424 C CE  . LYS A 1 52 ? -2.585  0.604   7.043   1.00 17.30 ? 56  LYS A CE  1 
ATOM   425 N NZ  . LYS A 1 52 ? -4.036  0.603   7.339   1.00 19.74 ? 56  LYS A NZ  1 
ATOM   426 N N   . HIS A 1 53 ? 3.019   3.136   10.584  1.00 11.42 ? 57  HIS A N   1 
ATOM   427 C CA  . HIS A 1 53 ? 3.652   4.284   11.241  1.00 12.71 ? 57  HIS A CA  1 
ATOM   428 C C   . HIS A 1 53 ? 4.948   4.704   10.542  1.00 12.23 ? 57  HIS A C   1 
ATOM   429 O O   . HIS A 1 53 ? 5.440   5.816   10.762  1.00 12.86 ? 57  HIS A O   1 
ATOM   430 C CB  . HIS A 1 53 ? 3.944   4.033   12.735  1.00 15.34 ? 57  HIS A CB  1 
ATOM   431 C CG  . HIS A 1 53 ? 4.916   2.918   13.014  1.00 14.66 ? 57  HIS A CG  1 
ATOM   432 N ND1 . HIS A 1 53 ? 4.518   1.687   13.490  1.00 18.51 ? 57  HIS A ND1 1 
ATOM   433 C CD2 . HIS A 1 53 ? 6.263   2.840   12.860  1.00 17.69 ? 57  HIS A CD2 1 
ATOM   434 C CE1 . HIS A 1 53 ? 5.578   0.914   13.654  1.00 13.81 ? 57  HIS A CE1 1 
ATOM   435 N NE2 . HIS A 1 53 ? 6.646   1.581   13.260  1.00 12.60 ? 57  HIS A NE2 1 
ATOM   436 N N   . ALA A 1 54 ? 5.493   3.834   9.689   1.00 12.34 ? 58  ALA A N   1 
ATOM   437 C CA  . ALA A 1 54 ? 6.735   4.120   8.974   1.00 11.12 ? 58  ALA A CA  1 
ATOM   438 C C   . ALA A 1 54 ? 6.489   4.567   7.535   1.00 12.89 ? 58  ALA A C   1 
ATOM   439 O O   . ALA A 1 54 ? 7.429   4.895   6.802   1.00 11.59 ? 58  ALA A O   1 
ATOM   440 C CB  . ALA A 1 54 ? 7.617   2.912   8.973   1.00 10.81 ? 58  ALA A CB  1 
ATOM   441 N N   . ILE A 1 55 ? 5.232   4.566   7.120   1.00 9.94  ? 59  ILE A N   1 
ATOM   442 C CA  . ILE A 1 55 ? 4.911   4.950   5.754   1.00 9.76  ? 59  ILE A CA  1 
ATOM   443 C C   . ILE A 1 55 ? 4.610   6.434   5.655   1.00 10.99 ? 59  ILE A C   1 
ATOM   444 O O   . ILE A 1 55 ? 3.930   6.987   6.528   1.00 12.04 ? 59  ILE A O   1 
ATOM   445 C CB  . ILE A 1 55 ? 3.699   4.179   5.212   1.00 8.99  ? 59  ILE A CB  1 
ATOM   446 C CG1 . ILE A 1 55 ? 3.956   2.669   5.233   1.00 10.62 ? 59  ILE A CG1 1 
ATOM   447 C CG2 . ILE A 1 55 ? 3.368   4.650   3.785   1.00 11.39 ? 59  ILE A CG2 1 
ATOM   448 C CD1 . ILE A 1 55 ? 2.770   1.838   4.722   1.00 10.49 ? 59  ILE A CD1 1 
ATOM   449 N N   . SER A 1 56 ? 5.105   7.077   4.599   1.00 10.37 ? 60  SER A N   1 
ATOM   450 C CA  . SER A 1 56 ? 4.780   8.490   4.370   1.00 10.27 ? 60  SER A CA  1 
ATOM   451 C C   . SER A 1 56 ? 3.706   8.628   3.307   1.00 11.54 ? 60  SER A C   1 
ATOM   452 O O   . SER A 1 56 ? 2.695   9.288   3.537   1.00 11.26 ? 60  SER A O   1 
ATOM   453 C CB  . SER A 1 56 ? 6.030   9.298   3.996   1.00 13.29 ? 60  SER A CB  1 
ATOM   454 O OG  . SER A 1 56 ? 6.552   8.957   2.735   1.00 12.14 ? 60  SER A OG  1 
ATOM   455 N N   . THR A 1 57 ? 3.893   8.001   2.155   1.00 9.18  ? 61  THR A N   1 
ATOM   456 C CA  . THR A 1 57 ? 2.874   8.083   1.120   1.00 12.44 ? 61  THR A CA  1 
ATOM   457 C C   . THR A 1 57 ? 2.803   6.769   0.333   1.00 13.34 ? 61  THR A C   1 
ATOM   458 O O   . THR A 1 57 ? 3.804   6.042   0.213   1.00 12.33 ? 61  THR A O   1 
ATOM   459 C CB  . THR A 1 57 ? 3.122   9.277   0.171   1.00 15.32 ? 61  THR A CB  1 
ATOM   460 O OG1 . THR A 1 57 ? 1.993   9.451   -0.707  1.00 14.75 ? 61  THR A OG1 1 
ATOM   461 C CG2 . THR A 1 57 ? 4.380   9.068   -0.653  1.00 17.61 ? 61  THR A CG2 1 
ATOM   462 N N   . VAL A 1 58 ? 1.597   6.459   -0.144  1.00 10.48 ? 62  VAL A N   1 
ATOM   463 C CA  . VAL A 1 58 ? 1.341   5.292   -0.985  1.00 11.43 ? 62  VAL A CA  1 
ATOM   464 C C   . VAL A 1 58 ? 0.952   5.805   -2.362  1.00 16.53 ? 62  VAL A C   1 
ATOM   465 O O   . VAL A 1 58 ? -0.040  6.538   -2.523  1.00 9.40  ? 62  VAL A O   1 
ATOM   466 C CB  . VAL A 1 58 ? 0.228   4.396   -0.435  1.00 11.87 ? 62  VAL A CB  1 
ATOM   467 C CG1 . VAL A 1 58 ? 0.021   3.198   -1.353  1.00 14.65 ? 62  VAL A CG1 1 
ATOM   468 C CG2 . VAL A 1 58 ? 0.571   3.914   0.984   1.00 14.98 ? 62  VAL A CG2 1 
ATOM   469 N N   . VAL A 1 59 ? 1.756   5.430   -3.346  1.00 10.46 ? 63  VAL A N   1 
ATOM   470 C CA  . VAL A 1 59 ? 1.624   5.982   -4.676  1.00 13.41 ? 63  VAL A CA  1 
ATOM   471 C C   . VAL A 1 59 ? 1.288   4.860   -5.647  1.00 14.92 ? 63  VAL A C   1 
ATOM   472 O O   . VAL A 1 59 ? 2.133   4.004   -5.924  1.00 16.29 ? 63  VAL A O   1 
ATOM   473 C CB  . VAL A 1 59 ? 2.912   6.681   -5.134  1.00 15.57 ? 63  VAL A CB  1 
ATOM   474 C CG1 . VAL A 1 59 ? 2.733   7.269   -6.543  1.00 17.19 ? 63  VAL A CG1 1 
ATOM   475 C CG2 . VAL A 1 59 ? 3.340   7.754   -4.132  1.00 16.20 ? 63  VAL A CG2 1 
ATOM   476 N N   . PRO A 1 60 ? 0.053   4.842   -6.153  1.00 15.57 ? 64  PRO A N   1 
ATOM   477 C CA  . PRO A 1 60 ? -0.313  3.837   -7.162  1.00 15.30 ? 64  PRO A CA  1 
ATOM   478 C C   . PRO A 1 60 ? 0.438   4.083   -8.476  1.00 16.99 ? 64  PRO A C   1 
ATOM   479 O O   . PRO A 1 60 ? 0.707   5.245   -8.800  1.00 17.93 ? 64  PRO A O   1 
ATOM   480 C CB  . PRO A 1 60 ? -1.823  4.047   -7.339  1.00 17.62 ? 64  PRO A CB  1 
ATOM   481 C CG  . PRO A 1 60 ? -2.257  4.905   -6.168  1.00 18.74 ? 64  PRO A CG  1 
ATOM   482 C CD  . PRO A 1 60 ? -1.077  5.705   -5.772  1.00 16.10 ? 64  PRO A CD  1 
ATOM   483 N N   . SER A 1 61 ? 0.760   3.034   -9.232  1.00 16.86 ? 65  SER A N   1 
ATOM   484 C CA  . SER A 1 61 ? 1.537   3.224   -10.456 1.00 19.01 ? 65  SER A CA  1 
ATOM   485 C C   . SER A 1 61 ? 0.637   3.590   -11.640 1.00 20.78 ? 65  SER A C   1 
ATOM   486 O O   . SER A 1 61 ? 1.110   3.810   -12.755 1.00 27.39 ? 65  SER A O   1 
ATOM   487 C CB  . SER A 1 61 ? 2.345   1.972   -10.797 1.00 21.63 ? 65  SER A CB  1 
ATOM   488 O OG  . SER A 1 61 ? 1.481   0.890   -11.086 1.00 26.62 ? 65  SER A OG  1 
ATOM   489 N N   . ARG A 1 62 ? -0.659  3.657   -11.388 1.00 17.86 ? 66  ARG A N   1 
ATOM   490 C CA  . ARG A 1 62 ? -1.610  4.066   -12.405 1.00 25.45 ? 66  ARG A CA  1 
ATOM   491 C C   . ARG A 1 62 ? -2.897  4.492   -11.708 1.00 24.41 ? 66  ARG A C   1 
ATOM   492 O O   . ARG A 1 62 ? -3.155  4.072   -10.573 1.00 22.27 ? 66  ARG A O   1 
ATOM   493 C CB  . ARG A 1 62 ? -1.845  2.923   -13.407 1.00 24.07 ? 66  ARG A CB  1 
ATOM   494 C CG  . ARG A 1 62 ? -2.401  1.659   -12.791 1.00 28.10 ? 66  ARG A CG  1 
ATOM   495 C CD  . ARG A 1 62 ? -2.701  0.594   -13.848 1.00 31.46 ? 66  ARG A CD  1 
ATOM   496 N NE  . ARG A 1 62 ? -3.575  -0.445  -13.301 1.00 34.71 ? 66  ARG A NE  1 
ATOM   497 C CZ  . ARG A 1 62 ? -4.884  -0.292  -13.114 1.00 33.30 ? 66  ARG A CZ  1 
ATOM   498 N NH1 . ARG A 1 62 ? -5.478  0.851   -13.454 1.00 35.58 ? 66  ARG A NH1 1 
ATOM   499 N NH2 . ARG A 1 62 ? -5.601  -1.283  -12.597 1.00 40.02 ? 66  ARG A NH2 1 
ATOM   500 N N   . PRO A 1 63 ? -3.707  5.336   -12.376 1.00 25.34 ? 67  PRO A N   1 
ATOM   501 C CA  . PRO A 1 63 ? -4.925  5.871   -11.759 1.00 27.36 ? 67  PRO A CA  1 
ATOM   502 C C   . PRO A 1 63 ? -5.877  4.789   -11.267 1.00 29.39 ? 67  PRO A C   1 
ATOM   503 O O   . PRO A 1 63 ? -6.222  3.866   -12.010 1.00 32.35 ? 67  PRO A O   1 
ATOM   504 C CB  . PRO A 1 63 ? -5.566  6.677   -12.889 1.00 28.75 ? 67  PRO A CB  1 
ATOM   505 C CG  . PRO A 1 63 ? -4.445  7.033   -13.791 1.00 29.48 ? 67  PRO A CG  1 
ATOM   506 C CD  . PRO A 1 63 ? -3.523  5.850   -13.747 1.00 26.43 ? 67  PRO A CD  1 
ATOM   507 N N   . VAL A 1 64 ? -6.288  4.915   -10.011 1.00 29.15 ? 68  VAL A N   1 
ATOM   508 C CA  . VAL A 1 64 ? -7.164  3.951   -9.363  1.00 32.15 ? 68  VAL A CA  1 
ATOM   509 C C   . VAL A 1 64 ? -8.392  4.640   -8.794  1.00 33.51 ? 68  VAL A C   1 
ATOM   510 O O   . VAL A 1 64 ? -8.263  5.662   -8.112  1.00 38.27 ? 68  VAL A O   1 
ATOM   511 C CB  . VAL A 1 64 ? -6.447  3.217   -8.214  1.00 31.80 ? 68  VAL A CB  1 
ATOM   512 C CG1 . VAL A 1 64 ? -7.387  2.214   -7.569  1.00 30.91 ? 68  VAL A CG1 1 
ATOM   513 C CG2 . VAL A 1 64 ? -5.195  2.534   -8.722  1.00 33.39 ? 68  VAL A CG2 1 
ATOM   514 N N   . SER A 1 65 ? -9.573  4.085   -9.062  1.00 29.33 ? 69  SER A N   1 
ATOM   515 C CA  . SER A 1 65 ? -10.806 4.645   -8.519  1.00 30.41 ? 69  SER A CA  1 
ATOM   516 C C   . SER A 1 65 ? -11.288 3.896   -7.285  1.00 36.65 ? 69  SER A C   1 
ATOM   517 O O   . SER A 1 65 ? -10.926 2.745   -7.068  1.00 33.72 ? 69  SER A O   1 
ATOM   518 C CB  . SER A 1 65 ? -11.913 4.636   -9.570  1.00 35.59 ? 69  SER A CB  1 
ATOM   519 O OG  . SER A 1 65 ? -13.089 5.229   -9.042  1.00 36.04 ? 69  SER A OG  1 
ATOM   520 N N   . HIS A 1 66 ? -12.119 4.561   -6.486  1.00 42.76 ? 70  HIS A N   1 
ATOM   521 C CA  . HIS A 1 66 ? -12.795 3.919   -5.360  1.00 43.20 ? 70  HIS A CA  1 
ATOM   522 C C   . HIS A 1 66 ? -14.013 4.720   -4.911  1.00 47.83 ? 70  HIS A C   1 
ATOM   523 O O   . HIS A 1 66 ? -15.157 4.287   -5.073  1.00 46.72 ? 70  HIS A O   1 
ATOM   524 C CB  . HIS A 1 66 ? -11.827 3.729   -4.194  1.00 39.08 ? 70  HIS A CB  1 
ATOM   525 C CG  . HIS A 1 66 ? -10.934 4.903   -3.960  1.00 36.96 ? 70  HIS A CG  1 
ATOM   526 N ND1 . HIS A 1 66 ? -11.227 5.886   -3.042  1.00 42.70 ? 70  HIS A ND1 1 
ATOM   527 C CD2 . HIS A 1 66 ? -9.758  5.255   -4.530  1.00 35.42 ? 70  HIS A CD2 1 
ATOM   528 C CE1 . HIS A 1 66 ? -10.270 6.799   -3.055  1.00 44.58 ? 70  HIS A CE1 1 
ATOM   529 N NE2 . HIS A 1 66 ? -9.368  6.439   -3.950  1.00 39.19 ? 70  HIS A NE2 1 
ATOM   530 N N   . HIS A 1 67 ? -13.757 5.895   -4.353  1.00 48.86 ? 71  HIS A N   1 
ATOM   531 C CA  . HIS A 1 67 ? -14.814 6.770   -3.884  1.00 54.88 ? 71  HIS A CA  1 
ATOM   532 C C   . HIS A 1 67 ? -15.141 7.811   -4.942  1.00 51.42 ? 71  HIS A C   1 
ATOM   533 O O   . HIS A 1 67 ? -14.602 8.919   -4.926  1.00 48.38 ? 71  HIS A O   1 
ATOM   534 C CB  . HIS A 1 67 ? -14.406 7.457   -2.577  1.00 58.25 ? 71  HIS A CB  1 
ATOM   535 C CG  . HIS A 1 67 ? -15.503 8.254   -1.943  1.00 66.07 ? 71  HIS A CG  1 
ATOM   536 N ND1 . HIS A 1 67 ? -15.844 9.522   -2.366  1.00 67.60 ? 71  HIS A ND1 1 
ATOM   537 C CD2 . HIS A 1 67 ? -16.326 7.970   -0.906  1.00 67.74 ? 71  HIS A CD2 1 
ATOM   538 C CE1 . HIS A 1 67 ? -16.836 9.981   -1.623  1.00 67.43 ? 71  HIS A CE1 1 
ATOM   539 N NE2 . HIS A 1 67 ? -17.146 9.060   -0.729  1.00 71.58 ? 71  HIS A NE2 1 
HETATM 540 O O   . HOH B 2 .  ? 1.671   1.003   12.218  1.00 12.59 ? 101 HOH A O   1 
HETATM 541 O O   . HOH B 2 .  ? -1.783  -3.482  -5.032  1.00 17.24 ? 102 HOH A O   1 
HETATM 542 O O   . HOH B 2 .  ? -0.729  -10.505 -8.855  1.00 28.35 ? 103 HOH A O   1 
HETATM 543 O O   . HOH B 2 .  ? -2.475  -14.355 -6.175  1.00 22.03 ? 104 HOH A O   1 
HETATM 544 O O   . HOH B 2 .  ? -1.280  -5.974  13.085  1.00 24.59 ? 105 HOH A O   1 
HETATM 545 O O   . HOH B 2 .  ? -12.339 0.711   -2.760  1.00 26.18 ? 106 HOH A O   1 
HETATM 546 O O   . HOH B 2 .  ? 12.663  9.136   -2.215  1.00 37.66 ? 107 HOH A O   1 
HETATM 547 O O   . HOH B 2 .  ? -0.038  2.868   -17.418 1.00 40.43 ? 108 HOH A O   1 
HETATM 548 O O   . HOH B 2 .  ? 3.813   3.479   -8.166  1.00 26.43 ? 109 HOH A O   1 
HETATM 549 O O   . HOH B 2 .  ? -1.811  4.841   -16.968 1.00 32.36 ? 110 HOH A O   1 
HETATM 550 O O   . HOH B 2 .  ? -4.447  2.814   10.618  1.00 27.87 ? 111 HOH A O   1 
HETATM 551 O O   . HOH B 2 .  ? 11.522  -0.559  -4.634  1.00 27.39 ? 112 HOH A O   1 
HETATM 552 O O   . HOH B 2 .  ? -6.612  -7.112  3.696   1.00 19.73 ? 113 HOH A O   1 
HETATM 553 O O   . HOH B 2 .  ? 7.826   -7.764  -0.710  1.00 22.99 ? 114 HOH A O   1 
HETATM 554 O O   . HOH B 2 .  ? 2.050   1.185   14.941  1.00 22.71 ? 115 HOH A O   1 
HETATM 555 O O   . HOH B 2 .  ? 13.468  2.038   6.467   1.00 31.98 ? 116 HOH A O   1 
HETATM 556 O O   . HOH B 2 .  ? 7.502   5.496   -7.506  1.00 31.57 ? 117 HOH A O   1 
HETATM 557 O O   . HOH B 2 .  ? -7.025  -9.883  2.838   1.00 45.21 ? 118 HOH A O   1 
HETATM 558 O O   . HOH B 2 .  ? -6.797  -10.668 -3.442  1.00 38.64 ? 119 HOH A O   1 
HETATM 559 O O   . HOH B 2 .  ? 6.411   7.180   -7.622  1.00 46.64 ? 120 HOH A O   1 
HETATM 560 O O   . HOH B 2 .  ? -5.770  -8.960  -4.254  1.00 33.19 ? 121 HOH A O   1 
HETATM 561 O O   . HOH B 2 .  ? 1.440   4.879   -18.740 1.00 35.10 ? 122 HOH A O   1 
HETATM 562 O O   . HOH B 2 .  ? 3.417   5.068   -19.369 1.00 33.53 ? 123 HOH A O   1 
HETATM 563 O O   . HOH B 2 .  ? -15.176 5.941   12.508  1.00 28.98 ? 124 HOH A O   1 
HETATM 564 O O   . HOH B 2 .  ? 11.340  5.919   3.214   1.00 24.84 ? 125 HOH A O   1 
HETATM 565 O O   . HOH B 2 .  ? 2.506   6.835   -10.309 1.00 31.81 ? 126 HOH A O   1 
HETATM 566 O O   . HOH B 2 .  ? -19.011 9.797   9.813   1.00 29.11 ? 127 HOH A O   1 
HETATM 567 O O   . HOH B 2 .  ? -10.440 3.153   6.473   1.00 40.04 ? 128 HOH A O   1 
HETATM 568 O O   . HOH B 2 .  ? 5.782   -14.110 0.144   1.00 31.24 ? 129 HOH A O   1 
HETATM 569 O O   . HOH B 2 .  ? -3.558  3.824   -16.957 1.00 36.34 ? 130 HOH A O   1 
HETATM 570 O O   . HOH B 2 .  ? 11.210  -8.777  -3.881  1.00 43.44 ? 131 HOH A O   1 
HETATM 571 O O   . HOH B 2 .  ? 13.955  -10.151 -4.704  1.00 49.73 ? 132 HOH A O   1 
HETATM 572 O O   . HOH B 2 .  ? -3.319  -2.894  -12.620 1.00 39.54 ? 133 HOH A O   1 
HETATM 573 O O   . HOH B 2 .  ? 7.003   8.909   -6.367  1.00 47.72 ? 134 HOH A O   1 
HETATM 574 O O   . HOH B 2 .  ? -17.505 10.833  8.526   1.00 50.16 ? 135 HOH A O   1 
HETATM 575 O O   . HOH B 2 .  ? -5.162  -3.765  -12.190 1.00 43.72 ? 136 HOH A O   1 
# 
